data_9CHL
#
_entry.id   9CHL
#
_cell.length_a   98.150
_cell.length_b   98.130
_cell.length_c   147.190
_cell.angle_alpha   90.000
_cell.angle_beta   109.490
_cell.angle_gamma   90.000
#
_symmetry.space_group_name_H-M   'C 1 2 1'
#
loop_
_entity.id
_entity.type
_entity.pdbx_description
1 polymer 'Antitoxin HigA'
2 polymer 'Endoribonuclease HigB'
3 polymer "DNA (5'-D(*GP*TP*AP*TP*TP*AP*CP*AP*CP*AP*CP*CP*AP*TP*GP*TP*AP*AP*TP*AP*C)-3')"
4 polymer "DNA (5'-D(*GP*TP*AP*TP*TP*AP*CP*AP*TP*GP*GP*TP*GP*TP*GP*TP*AP*AP*TP*AP*C)-3')"
5 non-polymer 'MAGNESIUM ION'
6 non-polymer 'CHLORIDE ION'
7 water water
#
loop_
_entity_poly.entity_id
_entity_poly.type
_entity_poly.pdbx_seq_one_letter_code
_entity_poly.pdbx_strand_id
1 'polypeptide(L)'
;(MSE)RQFKVSHPGE(MSE)IARDLED(MSE)GVSGRRFAHNIGVTPATVSRLLAGKTALTPSLSIRIAAALGSTPEFWL
RLQSNYDLRQLENQIDTSGIVLYGESNEQQQNAQEH
;
A,C,E,G
2 'polypeptide(L)'
;(MSE)(MSE)IKSFKHKGLKLLFEKGVTSGVPAQDVDRINDRLQAIDTATEIGELNRQIYKLHPLKGDREGYWSITVRAN
WRITFQFINGDAYILNYEDYH
;
B,D,F,H
3 'polydeoxyribonucleotide'
;(DG)(DT)(DA)(DT)(DT)(DA)(DC)(DA)(DC)(DA)(DC)(DC)(DA)(DT)(DG)(DT)(DA)(DA)(DT)(DA)
(DC)
;
I,K
4 'polydeoxyribonucleotide'
;(DG)(DT)(DA)(DT)(DT)(DA)(DC)(DA)(DT)(DG)(DG)(DT)(DG)(DT)(DG)(DT)(DA)(DA)(DT)(DA)
(DC)
;
J,L
#
# COMPACT_ATOMS: atom_id res chain seq x y z
N ARG A 2 -2.04 -6.36 7.64
CA ARG A 2 -2.62 -6.64 6.34
C ARG A 2 -1.77 -7.65 5.57
N GLN A 3 -2.41 -8.34 4.65
CA GLN A 3 -1.71 -9.31 3.81
C GLN A 3 -0.78 -8.59 2.85
N PHE A 4 0.47 -9.05 2.79
CA PHE A 4 1.46 -8.39 1.94
C PHE A 4 1.14 -8.62 0.46
N LYS A 5 0.96 -9.87 0.06
CA LYS A 5 0.71 -10.23 -1.33
C LYS A 5 -0.78 -10.45 -1.53
N VAL A 6 -1.37 -9.75 -2.50
CA VAL A 6 -2.79 -9.86 -2.82
C VAL A 6 -2.94 -10.15 -4.30
N SER A 7 -3.83 -11.09 -4.63
CA SER A 7 -4.03 -11.53 -6.00
C SER A 7 -5.36 -11.03 -6.54
N HIS A 8 -5.39 -10.78 -7.84
CA HIS A 8 -6.64 -10.50 -8.53
C HIS A 8 -7.60 -11.67 -8.33
N PRO A 9 -8.88 -11.43 -8.02
CA PRO A 9 -9.80 -12.55 -7.76
C PRO A 9 -9.89 -13.54 -8.91
N GLY A 10 -9.83 -13.06 -10.15
CA GLY A 10 -9.92 -13.95 -11.29
C GLY A 10 -8.77 -14.94 -11.36
N GLU A 11 -7.56 -14.50 -10.99
CA GLU A 11 -6.42 -15.40 -11.00
C GLU A 11 -6.51 -16.46 -9.92
N ILE A 13 -9.50 -17.71 -9.01
CA ILE A 13 -10.50 -18.61 -9.58
C ILE A 13 -9.87 -19.49 -10.65
N ALA A 14 -8.96 -18.92 -11.46
CA ALA A 14 -8.30 -19.72 -12.49
C ALA A 14 -7.48 -20.84 -11.88
N ARG A 15 -6.81 -20.58 -10.75
CA ARG A 15 -6.07 -21.65 -10.08
C ARG A 15 -7.02 -22.67 -9.48
N ASP A 16 -8.18 -22.23 -8.99
CA ASP A 16 -9.15 -23.17 -8.44
C ASP A 16 -9.75 -24.04 -9.53
N LEU A 17 -10.14 -23.44 -10.66
CA LEU A 17 -10.69 -24.22 -11.76
C LEU A 17 -9.66 -25.22 -12.29
N GLU A 18 -8.39 -24.82 -12.34
CA GLU A 18 -7.33 -25.73 -12.73
C GLU A 18 -7.28 -26.94 -11.81
N ASP A 19 -7.38 -26.70 -10.49
CA ASP A 19 -7.34 -27.79 -9.53
C ASP A 19 -8.61 -28.63 -9.58
N GLY A 21 -10.30 -29.18 -12.41
CA GLY A 21 -10.41 -29.75 -13.74
C GLY A 21 -11.54 -29.20 -14.57
N VAL A 22 -11.95 -27.96 -14.31
CA VAL A 22 -13.06 -27.33 -15.03
C VAL A 22 -12.49 -26.34 -16.02
N SER A 23 -12.87 -26.48 -17.28
CA SER A 23 -12.41 -25.56 -18.31
C SER A 23 -13.11 -24.22 -18.17
N GLY A 24 -12.47 -23.18 -18.73
CA GLY A 24 -13.10 -21.87 -18.75
C GLY A 24 -14.38 -21.85 -19.55
N ARG A 25 -14.44 -22.64 -20.61
CA ARG A 25 -15.65 -22.70 -21.43
C ARG A 25 -16.80 -23.35 -20.67
N ARG A 26 -16.52 -24.42 -19.93
CA ARG A 26 -17.56 -25.05 -19.12
C ARG A 26 -18.01 -24.15 -17.99
N PHE A 27 -17.07 -23.44 -17.37
CA PHE A 27 -17.41 -22.50 -16.30
C PHE A 27 -18.30 -21.38 -16.84
N ALA A 28 -18.01 -20.89 -18.04
CA ALA A 28 -18.82 -19.83 -18.63
C ALA A 28 -20.22 -20.32 -18.95
N HIS A 29 -20.34 -21.52 -19.52
CA HIS A 29 -21.66 -22.08 -19.80
C HIS A 29 -22.46 -22.27 -18.52
N ASN A 30 -21.78 -22.68 -17.44
CA ASN A 30 -22.46 -22.91 -16.17
C ASN A 30 -23.00 -21.61 -15.59
N ILE A 31 -22.13 -20.61 -15.39
CA ILE A 31 -22.54 -19.38 -14.73
C ILE A 31 -23.31 -18.43 -15.64
N GLY A 32 -23.33 -18.68 -16.95
CA GLY A 32 -24.17 -17.92 -17.84
C GLY A 32 -23.57 -16.68 -18.47
N VAL A 33 -22.27 -16.67 -18.73
CA VAL A 33 -21.62 -15.61 -19.51
C VAL A 33 -20.85 -16.27 -20.64
N THR A 34 -20.34 -15.43 -21.54
CA THR A 34 -19.60 -15.99 -22.66
C THR A 34 -18.19 -16.38 -22.21
N PRO A 35 -17.58 -17.37 -22.88
CA PRO A 35 -16.19 -17.74 -22.54
C PRO A 35 -15.21 -16.58 -22.68
N ALA A 36 -15.53 -15.58 -23.51
CA ALA A 36 -14.68 -14.39 -23.59
C ALA A 36 -14.60 -13.68 -22.24
N THR A 37 -15.74 -13.52 -21.56
CA THR A 37 -15.75 -12.85 -20.27
C THR A 37 -14.97 -13.63 -19.23
N VAL A 38 -15.17 -14.95 -19.16
CA VAL A 38 -14.43 -15.78 -18.23
C VAL A 38 -12.93 -15.70 -18.53
N SER A 39 -12.55 -15.77 -19.80
CA SER A 39 -11.14 -15.73 -20.18
C SER A 39 -10.48 -14.44 -19.72
N ARG A 40 -11.17 -13.31 -19.87
CA ARG A 40 -10.60 -12.04 -19.43
C ARG A 40 -10.64 -11.89 -17.91
N LEU A 41 -11.66 -12.45 -17.26
CA LEU A 41 -11.68 -12.47 -15.80
C LEU A 41 -10.55 -13.31 -15.24
N LEU A 42 -10.39 -14.53 -15.75
CA LEU A 42 -9.36 -15.43 -15.24
C LEU A 42 -7.96 -14.94 -15.58
N ALA A 43 -7.82 -14.15 -16.65
CA ALA A 43 -6.53 -13.55 -16.96
C ALA A 43 -6.25 -12.28 -16.18
N GLY A 44 -7.16 -11.90 -15.27
CA GLY A 44 -6.96 -10.68 -14.50
C GLY A 44 -7.02 -9.41 -15.32
N LYS A 45 -7.72 -9.43 -16.45
CA LYS A 45 -7.84 -8.25 -17.30
C LYS A 45 -9.07 -7.41 -16.98
N THR A 46 -10.16 -8.05 -16.56
CA THR A 46 -11.36 -7.34 -16.14
C THR A 46 -11.67 -7.65 -14.68
N ALA A 47 -12.42 -6.76 -14.04
CA ALA A 47 -12.72 -6.89 -12.63
C ALA A 47 -13.92 -7.80 -12.40
N LEU A 48 -13.97 -8.37 -11.20
CA LEU A 48 -15.11 -9.18 -10.78
C LEU A 48 -16.22 -8.22 -10.36
N THR A 49 -17.23 -8.08 -11.22
CA THR A 49 -18.30 -7.12 -11.02
C THR A 49 -19.35 -7.67 -10.05
N PRO A 50 -20.21 -6.80 -9.51
CA PRO A 50 -21.31 -7.30 -8.66
C PRO A 50 -22.16 -8.36 -9.31
N SER A 51 -22.43 -8.24 -10.61
CA SER A 51 -23.22 -9.26 -11.31
C SER A 51 -22.48 -10.58 -11.39
N LEU A 52 -21.15 -10.54 -11.60
CA LEU A 52 -20.37 -11.77 -11.66
C LEU A 52 -20.31 -12.43 -10.30
N SER A 53 -20.21 -11.63 -9.23
CA SER A 53 -20.11 -12.20 -7.88
C SER A 53 -21.34 -13.02 -7.53
N ILE A 54 -22.51 -12.62 -8.04
CA ILE A 54 -23.73 -13.39 -7.80
C ILE A 54 -23.69 -14.70 -8.56
N ARG A 55 -23.24 -14.67 -9.83
CA ARG A 55 -23.14 -15.89 -10.61
C ARG A 55 -22.05 -16.80 -10.07
N ILE A 56 -20.91 -16.23 -9.67
CA ILE A 56 -19.78 -17.04 -9.24
C ILE A 56 -20.08 -17.73 -7.92
N ALA A 57 -20.76 -17.03 -7.00
CA ALA A 57 -21.11 -17.64 -5.72
C ALA A 57 -22.05 -18.82 -5.91
N ALA A 58 -22.89 -18.78 -6.95
CA ALA A 58 -23.79 -19.89 -7.22
C ALA A 58 -23.06 -21.12 -7.74
N ALA A 59 -21.84 -20.96 -8.24
CA ALA A 59 -21.06 -22.06 -8.77
C ALA A 59 -19.90 -22.48 -7.87
N LEU A 60 -19.13 -21.51 -7.37
CA LEU A 60 -17.93 -21.80 -6.58
C LEU A 60 -18.19 -21.80 -5.09
N GLY A 61 -19.38 -21.44 -4.65
CA GLY A 61 -19.68 -21.40 -3.23
C GLY A 61 -19.42 -20.02 -2.63
N SER A 62 -19.48 -19.99 -1.30
CA SER A 62 -19.39 -18.77 -0.51
C SER A 62 -20.53 -17.84 -0.86
N THR A 63 -20.42 -16.56 -0.47
CA THR A 63 -21.46 -15.58 -0.70
C THR A 63 -21.07 -14.63 -1.82
N PRO A 64 -22.04 -13.96 -2.44
CA PRO A 64 -21.68 -12.92 -3.42
C PRO A 64 -20.86 -11.79 -2.81
N GLU A 65 -21.18 -11.39 -1.57
CA GLU A 65 -20.44 -10.31 -0.93
C GLU A 65 -19.00 -10.69 -0.66
N PHE A 66 -18.72 -11.98 -0.43
CA PHE A 66 -17.34 -12.40 -0.26
C PHE A 66 -16.53 -12.16 -1.52
N TRP A 67 -17.06 -12.58 -2.67
CA TRP A 67 -16.33 -12.43 -3.92
C TRP A 67 -16.18 -10.96 -4.30
N LEU A 68 -17.20 -10.14 -4.05
CA LEU A 68 -17.08 -8.72 -4.33
C LEU A 68 -16.12 -8.04 -3.36
N ARG A 69 -16.05 -8.53 -2.12
CA ARG A 69 -15.09 -7.98 -1.16
C ARG A 69 -13.66 -8.26 -1.60
N LEU A 70 -13.41 -9.42 -2.22
CA LEU A 70 -12.09 -9.70 -2.76
C LEU A 70 -11.70 -8.68 -3.82
N GLN A 71 -12.64 -8.34 -4.71
CA GLN A 71 -12.35 -7.36 -5.75
C GLN A 71 -12.18 -5.97 -5.18
N SER A 72 -13.00 -5.63 -4.17
CA SER A 72 -12.93 -4.30 -3.57
C SER A 72 -11.61 -4.07 -2.85
N ASN A 73 -11.18 -5.05 -2.06
CA ASN A 73 -9.87 -4.93 -1.40
C ASN A 73 -8.74 -4.89 -2.41
N TYR A 74 -8.87 -5.67 -3.49
CA TYR A 74 -7.86 -5.64 -4.55
C TYR A 74 -7.83 -4.29 -5.26
N ASP A 75 -9.02 -3.72 -5.52
CA ASP A 75 -9.08 -2.40 -6.14
C ASP A 75 -8.39 -1.36 -5.27
N LEU A 76 -8.59 -1.43 -3.95
CA LEU A 76 -7.97 -0.46 -3.05
C LEU A 76 -6.47 -0.64 -2.98
N ARG A 77 -5.97 -1.87 -3.13
CA ARG A 77 -4.54 -2.08 -3.12
C ARG A 77 -3.87 -1.47 -4.35
N GLN A 78 -4.56 -1.50 -5.50
CA GLN A 78 -4.04 -0.81 -6.68
C GLN A 78 -3.92 0.68 -6.43
N LEU A 79 -5.00 1.30 -5.95
CA LEU A 79 -5.05 2.74 -5.75
C LEU A 79 -4.27 3.17 -4.52
N GLU A 80 -3.34 2.34 -4.07
CA GLU A 80 -2.52 2.67 -2.92
C GLU A 80 -1.49 3.73 -3.30
N ASN A 81 -1.43 4.81 -2.53
CA ASN A 81 -0.54 5.94 -2.73
C ASN A 81 -0.72 6.61 -4.08
N GLN A 82 -1.78 6.26 -4.82
CA GLN A 82 -2.04 6.88 -6.11
C GLN A 82 -2.92 8.12 -5.99
N ILE A 83 -3.60 8.30 -4.86
CA ILE A 83 -4.45 9.45 -4.62
C ILE A 83 -3.84 10.26 -3.49
N ASP A 84 -3.45 11.50 -3.80
CA ASP A 84 -2.93 12.41 -2.79
C ASP A 84 -4.05 12.83 -1.86
N THR A 85 -4.00 12.38 -0.61
CA THR A 85 -4.97 12.75 0.42
C THR A 85 -4.37 13.67 1.47
N SER A 86 -3.12 14.09 1.31
CA SER A 86 -2.48 14.93 2.32
C SER A 86 -3.22 16.25 2.50
N GLY A 87 -3.84 16.77 1.44
CA GLY A 87 -4.60 18.00 1.54
C GLY A 87 -5.99 17.85 2.13
N ILE A 88 -6.43 16.63 2.41
CA ILE A 88 -7.75 16.38 2.95
C ILE A 88 -7.69 16.50 4.47
N VAL A 89 -8.62 17.25 5.04
CA VAL A 89 -8.67 17.50 6.48
C VAL A 89 -9.70 16.57 7.10
N LEU A 90 -9.30 15.92 8.20
CA LEU A 90 -10.23 15.11 8.99
C LEU A 90 -11.10 16.03 9.83
N TYR A 91 -12.42 15.90 9.69
CA TYR A 91 -13.33 16.73 10.47
C TYR A 91 -13.28 16.35 11.94
N GLY A 92 -13.33 17.36 12.80
CA GLY A 92 -13.20 17.15 14.23
C GLY A 92 -11.80 17.46 14.71
N GLU A 93 -11.35 16.75 15.75
CA GLU A 93 -10.05 17.00 16.36
C GLU A 93 -8.95 16.26 15.61
N SER A 94 -7.82 16.94 15.43
CA SER A 94 -6.64 16.34 14.84
C SER A 94 -5.78 15.75 15.96
N ASN A 95 -4.52 15.42 15.67
CA ASN A 95 -3.64 14.90 16.71
C ASN A 95 -3.30 15.97 17.73
N GLU A 96 -3.03 17.20 17.28
CA GLU A 96 -2.67 18.26 18.21
C GLU A 96 -3.87 18.71 19.04
N GLN A 97 -5.05 18.77 18.43
CA GLN A 97 -6.25 19.17 19.17
C GLN A 97 -6.62 18.13 20.22
N GLN A 98 -6.33 16.85 19.98
CA GLN A 98 -6.64 15.81 20.95
C GLN A 98 -5.68 15.83 22.13
N GLN A 99 -4.48 16.39 21.96
CA GLN A 99 -3.53 16.52 23.07
C GLN A 99 -3.93 17.66 24.00
N ASN A 100 -4.24 18.82 23.43
CA ASN A 100 -4.59 20.00 24.23
C ASN A 100 -5.89 19.82 25.00
N ALA A 101 -6.78 18.95 24.52
CA ALA A 101 -8.06 18.72 25.19
C ALA A 101 -8.01 17.44 26.02
N ILE B 3 -6.16 -12.34 11.22
CA ILE B 3 -5.24 -13.39 11.64
C ILE B 3 -4.38 -12.82 12.76
N LYS B 4 -4.61 -13.31 13.98
CA LYS B 4 -3.96 -12.72 15.16
C LYS B 4 -2.61 -13.36 15.48
N SER B 5 -2.41 -14.63 15.15
CA SER B 5 -1.15 -15.30 15.48
C SER B 5 -0.92 -16.44 14.51
N PHE B 6 0.37 -16.79 14.34
CA PHE B 6 0.80 -17.86 13.47
C PHE B 6 1.59 -18.88 14.28
N LYS B 7 1.17 -20.14 14.20
CA LYS B 7 2.02 -21.22 14.72
C LYS B 7 3.11 -21.58 13.72
N HIS B 8 2.75 -21.63 12.44
CA HIS B 8 3.70 -21.92 11.36
C HIS B 8 4.37 -20.61 10.95
N LYS B 9 5.68 -20.49 11.21
CA LYS B 9 6.38 -19.24 10.95
C LYS B 9 6.59 -18.99 9.47
N GLY B 10 6.47 -20.02 8.63
CA GLY B 10 6.54 -19.80 7.20
C GLY B 10 5.31 -19.09 6.67
N LEU B 11 4.13 -19.41 7.24
CA LEU B 11 2.92 -18.67 6.90
C LEU B 11 3.04 -17.22 7.33
N LYS B 12 3.62 -16.97 8.52
CA LYS B 12 3.79 -15.62 9.01
C LYS B 12 4.63 -14.78 8.06
N LEU B 13 5.76 -15.33 7.60
CA LEU B 13 6.59 -14.63 6.62
C LEU B 13 5.84 -14.36 5.34
N LEU B 14 5.05 -15.33 4.87
CA LEU B 14 4.30 -15.15 3.63
C LEU B 14 3.23 -14.09 3.78
N PHE B 15 2.42 -14.16 4.85
CA PHE B 15 1.31 -13.25 5.01
C PHE B 15 1.78 -11.84 5.31
N GLU B 16 2.73 -11.69 6.24
CA GLU B 16 3.15 -10.38 6.71
C GLU B 16 4.21 -9.72 5.83
N LYS B 17 5.06 -10.50 5.18
CA LYS B 17 6.20 -9.95 4.45
C LYS B 17 6.26 -10.34 2.99
N GLY B 18 5.36 -11.20 2.52
CA GLY B 18 5.46 -11.69 1.15
C GLY B 18 6.65 -12.59 0.92
N VAL B 19 7.23 -13.15 1.97
CA VAL B 19 8.42 -13.98 1.87
C VAL B 19 8.00 -15.44 1.70
N THR B 20 8.54 -16.09 0.68
CA THR B 20 8.14 -17.44 0.30
C THR B 20 9.12 -18.51 0.74
N SER B 21 10.14 -18.15 1.52
CA SER B 21 11.18 -19.11 1.87
C SER B 21 10.72 -20.13 2.91
N GLY B 22 9.58 -19.92 3.55
CA GLY B 22 9.12 -20.79 4.60
C GLY B 22 8.01 -21.75 4.22
N VAL B 23 7.61 -21.80 2.95
CA VAL B 23 6.56 -22.72 2.49
C VAL B 23 7.05 -23.42 1.24
N PRO B 24 6.49 -24.59 0.93
CA PRO B 24 6.88 -25.28 -0.31
C PRO B 24 6.59 -24.43 -1.53
N ALA B 25 7.52 -24.47 -2.49
CA ALA B 25 7.41 -23.61 -3.66
C ALA B 25 6.18 -23.92 -4.50
N GLN B 26 5.76 -25.19 -4.54
CA GLN B 26 4.64 -25.56 -5.40
C GLN B 26 3.30 -25.11 -4.85
N ASP B 27 3.23 -24.72 -3.57
CA ASP B 27 1.97 -24.36 -2.94
C ASP B 27 1.92 -22.89 -2.51
N VAL B 28 2.86 -22.07 -2.96
CA VAL B 28 2.90 -20.67 -2.54
C VAL B 28 1.62 -19.95 -2.93
N ASP B 29 1.20 -20.09 -4.19
CA ASP B 29 0.03 -19.37 -4.66
C ASP B 29 -1.24 -19.92 -4.01
N ARG B 30 -1.36 -21.23 -3.87
CA ARG B 30 -2.55 -21.79 -3.25
C ARG B 30 -2.66 -21.41 -1.78
N ILE B 31 -1.54 -21.43 -1.05
CA ILE B 31 -1.55 -21.04 0.35
C ILE B 31 -1.93 -19.57 0.49
N ASN B 32 -1.32 -18.71 -0.31
CA ASN B 32 -1.64 -17.29 -0.24
C ASN B 32 -3.09 -17.04 -0.63
N ASP B 33 -3.61 -17.82 -1.59
CA ASP B 33 -5.02 -17.71 -1.97
C ASP B 33 -5.92 -18.01 -0.77
N ARG B 34 -5.60 -19.06 -0.02
CA ARG B 34 -6.44 -19.41 1.12
C ARG B 34 -6.22 -18.47 2.30
N LEU B 35 -5.01 -17.91 2.44
CA LEU B 35 -4.81 -16.85 3.42
C LEU B 35 -5.63 -15.62 3.06
N GLN B 36 -5.72 -15.31 1.77
CA GLN B 36 -6.53 -14.18 1.33
C GLN B 36 -8.02 -14.44 1.55
N ALA B 37 -8.43 -15.72 1.47
CA ALA B 37 -9.84 -16.04 1.73
C ALA B 37 -10.17 -15.91 3.21
N ILE B 38 -9.26 -16.33 4.09
CA ILE B 38 -9.48 -16.19 5.53
C ILE B 38 -9.53 -14.72 5.92
N ASP B 39 -8.58 -13.93 5.40
CA ASP B 39 -8.49 -12.52 5.76
C ASP B 39 -9.68 -11.71 5.24
N THR B 40 -10.38 -12.21 4.21
CA THR B 40 -11.50 -11.49 3.64
C THR B 40 -12.84 -11.94 4.22
N ALA B 41 -12.93 -13.20 4.63
CA ALA B 41 -14.19 -13.73 5.14
C ALA B 41 -14.58 -13.05 6.45
N THR B 42 -15.79 -12.52 6.51
CA THR B 42 -16.31 -11.93 7.73
C THR B 42 -16.99 -12.95 8.62
N GLU B 43 -17.37 -14.11 8.08
CA GLU B 43 -17.96 -15.18 8.87
C GLU B 43 -17.32 -16.49 8.44
N ILE B 44 -17.40 -17.49 9.33
CA ILE B 44 -16.76 -18.78 9.06
C ILE B 44 -17.45 -19.49 7.90
N GLY B 45 -18.76 -19.27 7.73
CA GLY B 45 -19.49 -19.91 6.65
C GLY B 45 -19.10 -19.42 5.26
N GLU B 46 -18.49 -18.24 5.18
CA GLU B 46 -18.02 -17.74 3.89
C GLU B 46 -16.80 -18.51 3.39
N LEU B 47 -16.18 -19.34 4.24
CA LEU B 47 -15.11 -20.22 3.83
C LEU B 47 -15.59 -21.59 3.43
N ASN B 48 -16.90 -21.84 3.49
CA ASN B 48 -17.43 -23.18 3.24
C ASN B 48 -17.51 -23.47 1.75
N ARG B 49 -16.43 -23.23 1.02
CA ARG B 49 -16.33 -23.69 -0.36
C ARG B 49 -15.95 -25.17 -0.35
N GLN B 50 -16.55 -25.93 -1.26
CA GLN B 50 -16.40 -27.38 -1.21
C GLN B 50 -14.97 -27.81 -1.51
N ILE B 51 -14.22 -27.03 -2.28
CA ILE B 51 -12.81 -27.38 -2.52
C ILE B 51 -11.97 -27.14 -1.28
N TYR B 52 -12.41 -26.25 -0.38
CA TYR B 52 -11.69 -26.04 0.86
C TYR B 52 -11.91 -27.18 1.86
N LYS B 53 -12.98 -27.95 1.70
CA LYS B 53 -13.30 -29.07 2.59
C LYS B 53 -13.30 -28.63 4.05
N LEU B 54 -13.99 -27.51 4.29
CA LEU B 54 -14.05 -26.92 5.63
C LEU B 54 -14.78 -27.86 6.59
N HIS B 55 -14.20 -28.06 7.77
CA HIS B 55 -14.81 -28.90 8.80
C HIS B 55 -14.15 -28.59 10.12
N PRO B 56 -14.89 -28.69 11.23
CA PRO B 56 -14.28 -28.47 12.55
C PRO B 56 -13.40 -29.64 12.93
N LEU B 57 -12.43 -29.36 13.81
CA LEU B 57 -11.56 -30.38 14.36
C LEU B 57 -12.08 -30.84 15.73
N LYS B 58 -11.82 -32.10 16.05
CA LYS B 58 -12.34 -32.70 17.27
C LYS B 58 -11.23 -32.94 18.29
N GLU B 62 -11.37 -28.66 19.86
CA GLU B 62 -12.62 -27.90 19.81
C GLU B 62 -12.35 -26.41 19.61
N GLY B 63 -13.08 -25.81 18.66
CA GLY B 63 -12.86 -24.44 18.28
C GLY B 63 -11.90 -24.26 17.13
N TYR B 64 -11.16 -25.30 16.75
CA TYR B 64 -10.26 -25.24 15.61
C TYR B 64 -11.00 -25.60 14.33
N TRP B 65 -10.45 -25.16 13.21
CA TRP B 65 -11.02 -25.44 11.89
C TRP B 65 -9.89 -25.80 10.93
N SER B 66 -10.28 -26.36 9.79
CA SER B 66 -9.33 -26.86 8.80
C SER B 66 -9.86 -26.59 7.40
N ILE B 67 -8.97 -26.13 6.52
CA ILE B 67 -9.24 -26.01 5.10
C ILE B 67 -8.09 -26.65 4.34
N THR B 68 -8.42 -27.30 3.22
CA THR B 68 -7.44 -28.06 2.45
C THR B 68 -6.74 -27.15 1.46
N VAL B 69 -5.41 -27.25 1.42
CA VAL B 69 -4.62 -26.61 0.37
C VAL B 69 -4.48 -27.51 -0.85
N ARG B 70 -4.01 -28.74 -0.62
CA ARG B 70 -3.82 -29.72 -1.67
C ARG B 70 -3.51 -31.09 -1.05
N ALA B 71 -4.16 -32.15 -1.53
CA ALA B 71 -3.98 -33.52 -1.05
C ALA B 71 -4.29 -33.52 0.45
N ASN B 72 -3.37 -33.94 1.32
CA ASN B 72 -3.59 -33.89 2.75
C ASN B 72 -3.00 -32.65 3.41
N TRP B 73 -2.40 -31.75 2.62
CA TRP B 73 -1.88 -30.51 3.17
C TRP B 73 -3.03 -29.56 3.48
N ARG B 74 -3.08 -29.06 4.71
CA ARG B 74 -4.21 -28.28 5.16
C ARG B 74 -3.73 -27.10 6.00
N ILE B 75 -4.58 -26.06 6.04
CA ILE B 75 -4.38 -24.92 6.92
C ILE B 75 -5.34 -25.07 8.10
N THR B 76 -4.81 -24.97 9.31
CA THR B 76 -5.62 -25.03 10.52
C THR B 76 -5.46 -23.75 11.30
N PHE B 77 -6.54 -23.38 12.01
CA PHE B 77 -6.53 -22.18 12.83
C PHE B 77 -7.58 -22.34 13.92
N GLN B 78 -7.52 -21.44 14.89
CA GLN B 78 -8.44 -21.42 16.02
C GLN B 78 -9.37 -20.21 15.87
N PHE B 79 -10.67 -20.45 16.01
CA PHE B 79 -11.69 -19.42 15.83
C PHE B 79 -12.11 -18.90 17.20
N ILE B 80 -11.58 -17.74 17.58
CA ILE B 80 -11.92 -17.10 18.85
C ILE B 80 -12.10 -15.61 18.60
N ASN B 81 -13.17 -15.05 19.17
CA ASN B 81 -13.44 -13.61 19.10
C ASN B 81 -13.62 -13.12 17.67
N GLY B 82 -14.08 -14.00 16.78
CA GLY B 82 -14.22 -13.64 15.38
C GLY B 82 -12.91 -13.55 14.63
N ASP B 83 -11.79 -13.89 15.26
CA ASP B 83 -10.48 -13.85 14.64
C ASP B 83 -9.94 -15.26 14.46
N ALA B 84 -8.79 -15.35 13.80
CA ALA B 84 -8.14 -16.63 13.54
C ALA B 84 -6.80 -16.65 14.26
N TYR B 85 -6.62 -17.64 15.13
CA TYR B 85 -5.42 -17.78 15.93
C TYR B 85 -4.69 -19.07 15.57
N ILE B 86 -3.39 -19.10 15.87
CA ILE B 86 -2.54 -20.28 15.75
C ILE B 86 -2.64 -20.85 14.34
N LEU B 87 -2.37 -20.01 13.34
CA LEU B 87 -2.40 -20.48 11.96
C LEU B 87 -1.29 -21.49 11.71
N ASN B 88 -1.65 -22.63 11.12
CA ASN B 88 -0.70 -23.71 10.91
C ASN B 88 -0.85 -24.26 9.50
N TYR B 89 0.24 -24.83 8.98
CA TYR B 89 0.25 -25.52 7.70
C TYR B 89 0.93 -26.86 7.91
N GLU B 90 0.15 -27.94 7.82
CA GLU B 90 0.64 -29.27 8.17
C GLU B 90 0.14 -30.29 7.16
N ASP B 91 0.85 -31.42 7.11
CA ASP B 91 0.50 -32.56 6.28
C ASP B 91 -0.25 -33.56 7.16
N TYR B 92 -1.56 -33.63 6.99
CA TYR B 92 -2.40 -34.50 7.80
C TYR B 92 -3.01 -35.62 6.96
N ARG C 2 -30.14 -10.40 7.97
CA ARG C 2 -29.72 -9.25 7.20
C ARG C 2 -30.60 -8.05 7.51
N GLN C 3 -30.01 -6.85 7.37
CA GLN C 3 -30.75 -5.62 7.60
C GLN C 3 -31.81 -5.43 6.53
N PHE C 4 -33.02 -5.07 6.96
CA PHE C 4 -34.14 -4.98 6.03
C PHE C 4 -34.00 -3.76 5.12
N LYS C 5 -33.88 -2.58 5.71
CA LYS C 5 -33.78 -1.34 4.97
C LYS C 5 -32.31 -0.92 4.88
N VAL C 6 -31.84 -0.71 3.65
CA VAL C 6 -30.45 -0.34 3.38
C VAL C 6 -30.46 0.94 2.55
N SER C 7 -29.64 1.91 2.96
CA SER C 7 -29.58 3.21 2.30
C SER C 7 -28.38 3.28 1.37
N HIS C 8 -28.54 4.06 0.30
CA HIS C 8 -27.40 4.43 -0.54
C HIS C 8 -26.40 5.20 0.32
N PRO C 9 -25.11 4.84 0.28
CA PRO C 9 -24.15 5.51 1.17
C PRO C 9 -24.06 7.01 0.97
N GLY C 10 -24.35 7.50 -0.24
CA GLY C 10 -24.35 8.94 -0.45
C GLY C 10 -25.39 9.66 0.38
N GLU C 11 -26.59 9.06 0.50
CA GLU C 11 -27.62 9.69 1.32
C GLU C 11 -27.27 9.63 2.81
N ILE C 13 -24.15 9.97 3.95
CA ILE C 13 -23.19 11.05 4.11
C ILE C 13 -23.91 12.40 4.10
N ALA C 14 -24.91 12.55 3.24
CA ALA C 14 -25.67 13.80 3.20
C ALA C 14 -26.34 14.09 4.53
N ARG C 15 -26.90 13.05 5.16
CA ARG C 15 -27.49 13.24 6.49
C ARG C 15 -26.42 13.52 7.54
N ASP C 16 -25.21 12.98 7.36
CA ASP C 16 -24.14 13.28 8.29
C ASP C 16 -23.62 14.71 8.10
N LEU C 17 -23.44 15.13 6.84
CA LEU C 17 -22.97 16.48 6.59
C LEU C 17 -23.95 17.53 7.10
N GLU C 18 -25.25 17.27 6.93
CA GLU C 18 -26.25 18.19 7.44
C GLU C 18 -26.18 18.29 8.96
N ASP C 19 -25.97 17.17 9.64
CA ASP C 19 -25.83 17.20 11.09
C ASP C 19 -24.54 17.89 11.51
N GLY C 21 -23.19 20.40 9.80
CA GLY C 21 -23.20 21.76 9.30
C GLY C 21 -22.18 22.02 8.21
N VAL C 22 -21.87 21.02 7.39
CA VAL C 22 -20.87 21.13 6.34
C VAL C 22 -21.60 21.12 5.00
N SER C 23 -21.38 22.16 4.20
CA SER C 23 -22.03 22.25 2.90
C SER C 23 -21.41 21.25 1.94
N GLY C 24 -22.17 20.93 0.88
CA GLY C 24 -21.62 20.09 -0.16
C GLY C 24 -20.42 20.72 -0.85
N ARG C 25 -20.46 22.04 -1.01
CA ARG C 25 -19.35 22.74 -1.66
C ARG C 25 -18.07 22.63 -0.84
N ARG C 26 -18.17 22.86 0.47
CA ARG C 26 -16.99 22.77 1.33
C ARG C 26 -16.47 21.34 1.40
N PHE C 27 -17.37 20.36 1.47
CA PHE C 27 -16.96 18.96 1.48
C PHE C 27 -16.20 18.62 0.20
N ALA C 28 -16.70 19.11 -0.94
CA ALA C 28 -16.02 18.87 -2.21
C ALA C 28 -14.64 19.50 -2.23
N HIS C 29 -14.53 20.77 -1.79
CA HIS C 29 -13.24 21.43 -1.74
C HIS C 29 -12.27 20.70 -0.82
N ASN C 30 -12.80 20.07 0.24
CA ASN C 30 -11.93 19.38 1.19
C ASN C 30 -11.39 18.09 0.59
N ILE C 31 -12.27 17.18 0.17
CA ILE C 31 -11.84 15.88 -0.33
C ILE C 31 -11.22 15.95 -1.72
N GLY C 32 -11.34 17.09 -2.40
CA GLY C 32 -10.63 17.29 -3.66
C GLY C 32 -11.37 16.84 -4.89
N VAL C 33 -12.69 17.01 -4.90
CA VAL C 33 -13.52 16.70 -6.06
C VAL C 33 -14.43 17.91 -6.30
N THR C 34 -15.03 17.96 -7.49
CA THR C 34 -15.88 19.09 -7.80
C THR C 34 -17.21 19.00 -7.07
N PRO C 35 -17.85 20.15 -6.79
CA PRO C 35 -19.17 20.11 -6.15
C PRO C 35 -20.21 19.31 -6.92
N ALA C 36 -20.11 19.27 -8.25
CA ALA C 36 -21.02 18.46 -9.04
C ALA C 36 -20.99 16.99 -8.60
N THR C 37 -19.78 16.45 -8.41
CA THR C 37 -19.66 15.05 -8.00
C THR C 37 -20.28 14.80 -6.63
N VAL C 38 -19.96 15.67 -5.66
CA VAL C 38 -20.54 15.52 -4.32
C VAL C 38 -22.05 15.62 -4.39
N SER C 39 -22.58 16.55 -5.20
CA SER C 39 -24.02 16.68 -5.35
C SER C 39 -24.64 15.39 -5.86
N ARG C 40 -24.06 14.80 -6.90
CA ARG C 40 -24.62 13.56 -7.44
C ARG C 40 -24.45 12.40 -6.48
N LEU C 41 -23.32 12.35 -5.77
CA LEU C 41 -23.13 11.32 -4.75
C LEU C 41 -24.15 11.46 -3.63
N LEU C 42 -24.22 12.64 -3.02
CA LEU C 42 -25.15 12.85 -1.91
C LEU C 42 -26.59 12.63 -2.32
N ALA C 43 -26.93 12.91 -3.59
CA ALA C 43 -28.27 12.67 -4.10
C ALA C 43 -28.52 11.20 -4.44
N GLY C 44 -27.53 10.34 -4.26
CA GLY C 44 -27.71 8.93 -4.59
C GLY C 44 -27.81 8.62 -6.06
N LYS C 45 -27.31 9.50 -6.92
CA LYS C 45 -27.38 9.28 -8.36
C LYS C 45 -26.16 8.56 -8.90
N THR C 46 -25.01 8.71 -8.26
CA THR C 46 -23.79 8.00 -8.65
C THR C 46 -23.24 7.23 -7.46
N ALA C 47 -22.43 6.22 -7.76
CA ALA C 47 -21.93 5.30 -6.75
C ALA C 47 -20.71 5.87 -6.04
N LEU C 48 -20.48 5.36 -4.83
CA LEU C 48 -19.27 5.64 -4.07
C LEU C 48 -18.16 4.75 -4.63
N THR C 49 -17.31 5.31 -5.49
CA THR C 49 -16.28 4.57 -6.17
C THR C 49 -15.09 4.30 -5.23
N PRO C 50 -14.22 3.36 -5.59
CA PRO C 50 -13.02 3.13 -4.76
C PRO C 50 -12.18 4.37 -4.54
N SER C 51 -12.02 5.21 -5.57
CA SER C 51 -11.25 6.43 -5.41
C SER C 51 -11.95 7.39 -4.44
N LEU C 52 -13.27 7.43 -4.47
CA LEU C 52 -14.01 8.26 -3.52
C LEU C 52 -13.87 7.73 -2.10
N SER C 53 -13.87 6.41 -1.93
CA SER C 53 -13.77 5.82 -0.61
C SER C 53 -12.45 6.20 0.07
N ILE C 54 -11.39 6.40 -0.71
CA ILE C 54 -10.12 6.83 -0.14
C ILE C 54 -10.19 8.29 0.27
N ARG C 55 -10.83 9.13 -0.54
CA ARG C 55 -10.97 10.54 -0.19
C ARG C 55 -11.92 10.73 0.99
N ILE C 56 -13.01 9.95 1.02
CA ILE C 56 -14.03 10.15 2.05
C ILE C 56 -13.52 9.70 3.41
N ALA C 57 -12.79 8.58 3.46
CA ALA C 57 -12.25 8.09 4.73
C ALA C 57 -11.28 9.10 5.33
N ALA C 58 -10.58 9.87 4.49
CA ALA C 58 -9.66 10.87 5.00
C ALA C 58 -10.38 12.07 5.60
N ALA C 59 -11.66 12.24 5.31
CA ALA C 59 -12.46 13.35 5.83
C ALA C 59 -13.44 12.94 6.91
N LEU C 60 -14.15 11.84 6.72
CA LEU C 60 -15.20 11.41 7.64
C LEU C 60 -14.76 10.31 8.58
N GLY C 61 -13.51 9.88 8.51
CA GLY C 61 -13.04 8.81 9.37
C GLY C 61 -13.33 7.44 8.81
N SER C 62 -13.14 6.44 9.68
CA SER C 62 -13.21 5.03 9.33
C SER C 62 -12.17 4.69 8.27
N THR C 63 -12.34 3.57 7.59
CA THR C 63 -11.37 3.11 6.61
C THR C 63 -11.94 3.18 5.20
N PRO C 64 -11.08 3.26 4.18
CA PRO C 64 -11.61 3.20 2.80
C PRO C 64 -12.38 1.92 2.51
N GLU C 65 -11.98 0.79 3.09
CA GLU C 65 -12.69 -0.46 2.86
C GLU C 65 -14.11 -0.40 3.42
N PHE C 66 -14.29 0.30 4.55
CA PHE C 66 -15.64 0.38 5.13
C PHE C 66 -16.60 1.07 4.18
N TRP C 67 -16.22 2.22 3.65
CA TRP C 67 -17.10 2.97 2.77
C TRP C 67 -17.35 2.20 1.47
N LEU C 68 -16.32 1.53 0.94
CA LEU C 68 -16.52 0.75 -0.27
C LEU C 68 -17.38 -0.48 -0.01
N ARG C 69 -17.30 -1.04 1.20
CA ARG C 69 -18.14 -2.18 1.54
C ARG C 69 -19.61 -1.76 1.61
N LEU C 70 -19.88 -0.54 2.07
CA LEU C 70 -21.25 -0.03 2.07
C LEU C 70 -21.83 0.00 0.66
N GLN C 71 -21.05 0.54 -0.29
CA GLN C 71 -21.52 0.60 -1.67
C GLN C 71 -21.67 -0.79 -2.26
N SER C 72 -20.76 -1.71 -1.91
CA SER C 72 -20.82 -3.07 -2.43
C SER C 72 -22.08 -3.79 -1.94
N ASN C 73 -22.33 -3.73 -0.63
CA ASN C 73 -23.54 -4.32 -0.09
C ASN C 73 -24.79 -3.70 -0.70
N TYR C 74 -24.78 -2.37 -0.86
CA TYR C 74 -25.92 -1.70 -1.49
C TYR C 74 -26.07 -2.13 -2.95
N ASP C 75 -24.95 -2.27 -3.67
CA ASP C 75 -25.02 -2.71 -5.06
C ASP C 75 -25.63 -4.11 -5.16
N LEU C 76 -25.25 -5.01 -4.25
CA LEU C 76 -25.80 -6.36 -4.28
C LEU C 76 -27.27 -6.39 -3.92
N ARG C 77 -27.73 -5.46 -3.07
CA ARG C 77 -29.13 -5.45 -2.68
C ARG C 77 -30.03 -5.14 -3.87
N GLN C 78 -29.53 -4.36 -4.84
CA GLN C 78 -30.33 -4.08 -6.03
C GLN C 78 -30.38 -5.27 -6.98
N LEU C 79 -29.34 -6.09 -7.01
CA LEU C 79 -29.14 -7.06 -8.08
C LEU C 79 -29.54 -8.48 -7.73
N GLU C 80 -29.44 -8.88 -6.45
CA GLU C 80 -29.51 -10.30 -6.11
C GLU C 80 -30.84 -10.95 -6.49
N ASN C 81 -31.88 -10.17 -6.76
CA ASN C 81 -33.13 -10.71 -7.25
C ASN C 81 -33.35 -10.43 -8.73
N GLN C 82 -32.41 -9.76 -9.39
CA GLN C 82 -32.52 -9.42 -10.81
C GLN C 82 -31.77 -10.38 -11.72
N ILE C 83 -30.88 -11.20 -11.16
CA ILE C 83 -30.07 -12.12 -11.95
C ILE C 83 -30.57 -13.54 -11.70
N ASP C 84 -30.95 -14.23 -12.77
CA ASP C 84 -31.45 -15.60 -12.69
C ASP C 84 -30.28 -16.55 -12.52
N THR C 85 -30.15 -17.14 -11.33
CA THR C 85 -29.12 -18.11 -11.04
C THR C 85 -29.66 -19.53 -10.92
N SER C 86 -30.94 -19.74 -11.26
CA SER C 86 -31.53 -21.06 -11.13
C SER C 86 -30.80 -22.10 -11.97
N GLY C 87 -30.33 -21.71 -13.14
CA GLY C 87 -29.62 -22.61 -14.02
C GLY C 87 -28.16 -22.85 -13.67
N ILE C 88 -27.63 -22.14 -12.68
CA ILE C 88 -26.22 -22.32 -12.29
C ILE C 88 -26.12 -23.51 -11.35
N VAL C 89 -25.13 -24.36 -11.58
CA VAL C 89 -24.93 -25.57 -10.81
C VAL C 89 -23.76 -25.35 -9.85
N LEU C 90 -23.97 -25.70 -8.58
CA LEU C 90 -22.92 -25.64 -7.58
C LEU C 90 -21.98 -26.83 -7.77
N TYR C 91 -20.70 -26.55 -7.97
CA TYR C 91 -19.73 -27.63 -8.12
C TYR C 91 -19.56 -28.38 -6.82
N GLY C 92 -19.52 -29.70 -6.91
CA GLY C 92 -19.43 -30.55 -5.74
C GLY C 92 -20.71 -31.30 -5.47
N GLU C 93 -21.06 -31.47 -4.21
CA GLU C 93 -22.26 -32.20 -3.83
C GLU C 93 -23.46 -31.28 -3.72
N SER C 94 -24.60 -31.75 -4.21
CA SER C 94 -25.86 -31.04 -4.08
C SER C 94 -26.56 -31.49 -2.80
N ASN C 95 -27.79 -31.02 -2.58
CA ASN C 95 -28.54 -31.44 -1.40
C ASN C 95 -28.81 -32.94 -1.42
N GLU C 96 -29.18 -33.48 -2.58
CA GLU C 96 -29.48 -34.90 -2.66
C GLU C 96 -28.22 -35.75 -2.55
N GLN C 97 -27.11 -35.27 -3.12
CA GLN C 97 -25.86 -36.03 -3.05
C GLN C 97 -25.25 -36.03 -1.65
N GLN C 98 -25.60 -35.05 -0.82
CA GLN C 98 -25.12 -35.05 0.57
C GLN C 98 -25.91 -36.02 1.44
N GLN C 99 -27.17 -36.30 1.08
CA GLN C 99 -27.97 -37.26 1.83
C GLN C 99 -27.56 -38.70 1.52
N ASN C 100 -27.25 -39.00 0.26
CA ASN C 100 -26.89 -40.35 -0.12
C ASN C 100 -25.58 -40.79 0.53
N ALA C 101 -24.64 -39.85 0.70
CA ALA C 101 -23.38 -40.18 1.37
C ALA C 101 -23.56 -40.39 2.86
N GLN C 102 -24.67 -39.95 3.44
CA GLN C 102 -24.92 -40.09 4.86
C GLN C 102 -26.07 -41.05 5.12
N ILE D 3 -25.18 -8.54 14.23
CA ILE D 3 -25.98 -8.15 15.38
C ILE D 3 -26.75 -9.39 15.82
N LYS D 4 -26.45 -9.90 17.01
CA LYS D 4 -26.97 -11.19 17.46
C LYS D 4 -28.21 -11.09 18.32
N SER D 5 -28.39 -10.00 19.06
CA SER D 5 -29.55 -9.86 19.94
C SER D 5 -29.85 -8.40 20.17
N PHE D 6 -31.14 -8.11 20.38
CA PHE D 6 -31.63 -6.77 20.62
C PHE D 6 -32.24 -6.69 22.02
N LYS D 7 -31.76 -5.74 22.82
CA LYS D 7 -32.47 -5.42 24.05
C LYS D 7 -33.64 -4.49 23.77
N HIS D 8 -33.46 -3.56 22.84
CA HIS D 8 -34.50 -2.62 22.45
C HIS D 8 -35.28 -3.22 21.28
N LYS D 9 -36.52 -3.65 21.57
CA LYS D 9 -37.31 -4.35 20.55
C LYS D 9 -37.72 -3.44 19.41
N GLY D 10 -37.73 -2.12 19.61
CA GLY D 10 -37.96 -1.21 18.50
C GLY D 10 -36.84 -1.24 17.49
N LEU D 11 -35.60 -1.31 17.95
CA LEU D 11 -34.47 -1.50 17.05
C LEU D 11 -34.61 -2.80 16.28
N LYS D 12 -35.08 -3.86 16.95
CA LYS D 12 -35.22 -5.16 16.29
C LYS D 12 -36.24 -5.09 15.15
N LEU D 13 -37.37 -4.42 15.40
CA LEU D 13 -38.37 -4.26 14.34
C LEU D 13 -37.80 -3.48 13.16
N LEU D 14 -36.99 -2.47 13.43
CA LEU D 14 -36.40 -1.68 12.36
C LEU D 14 -35.38 -2.50 11.57
N PHE D 15 -34.46 -3.16 12.27
CA PHE D 15 -33.38 -3.87 11.59
C PHE D 15 -33.89 -5.10 10.86
N GLU D 16 -34.76 -5.90 11.51
CA GLU D 16 -35.16 -7.18 10.96
C GLU D 16 -36.34 -7.07 10.00
N LYS D 17 -37.27 -6.13 10.23
CA LYS D 17 -38.50 -6.06 9.45
C LYS D 17 -38.70 -4.72 8.75
N GLY D 18 -37.80 -3.76 8.93
CA GLY D 18 -38.01 -2.43 8.37
C GLY D 18 -39.16 -1.68 8.98
N VAL D 19 -39.62 -2.07 10.16
CA VAL D 19 -40.76 -1.45 10.82
C VAL D 19 -40.28 -0.31 11.71
N THR D 20 -40.93 0.85 11.61
CA THR D 20 -40.48 2.06 12.28
C THR D 20 -41.31 2.43 13.49
N SER D 21 -42.29 1.61 13.88
CA SER D 21 -43.22 2.00 14.93
C SER D 21 -42.57 2.02 16.31
N GLY D 22 -41.47 1.31 16.49
CA GLY D 22 -40.83 1.20 17.79
C GLY D 22 -39.70 2.18 18.05
N VAL D 23 -39.42 3.09 17.14
CA VAL D 23 -38.38 4.10 17.35
C VAL D 23 -38.98 5.47 17.05
N PRO D 24 -38.39 6.52 17.64
CA PRO D 24 -38.91 7.87 17.38
C PRO D 24 -38.78 8.23 15.91
N ALA D 25 -39.80 8.95 15.40
CA ALA D 25 -39.84 9.28 13.99
C ALA D 25 -38.70 10.21 13.58
N GLN D 26 -38.24 11.06 14.50
CA GLN D 26 -37.19 12.02 14.16
C GLN D 26 -35.88 11.32 13.83
N ASP D 27 -35.62 10.15 14.41
CA ASP D 27 -34.31 9.52 14.33
C ASP D 27 -34.30 8.21 13.57
N VAL D 28 -35.35 7.91 12.80
CA VAL D 28 -35.42 6.65 12.07
C VAL D 28 -34.25 6.52 11.10
N ASP D 29 -34.02 7.56 10.29
CA ASP D 29 -32.95 7.50 9.31
C ASP D 29 -31.58 7.47 9.97
N ARG D 30 -31.37 8.28 11.01
CA ARG D 30 -30.09 8.27 11.70
C ARG D 30 -29.82 6.93 12.37
N ILE D 31 -30.84 6.34 13.00
CA ILE D 31 -30.67 5.06 13.67
C ILE D 31 -30.35 3.97 12.66
N ASN D 32 -31.13 3.91 11.57
CA ASN D 32 -30.88 2.90 10.54
C ASN D 32 -29.51 3.07 9.92
N ASP D 33 -29.03 4.32 9.78
CA ASP D 33 -27.69 4.56 9.26
C ASP D 33 -26.64 3.96 10.17
N ARG D 34 -26.80 4.12 11.48
CA ARG D 34 -25.81 3.60 12.41
C ARG D 34 -25.94 2.09 12.61
N LEU D 35 -27.15 1.54 12.46
CA LEU D 35 -27.28 0.10 12.40
C LEU D 35 -26.59 -0.47 11.17
N GLN D 36 -26.70 0.24 10.05
CA GLN D 36 -26.02 -0.19 8.82
C GLN D 36 -24.51 -0.09 8.96
N ALA D 37 -24.01 0.90 9.72
CA ALA D 37 -22.58 1.00 9.95
C ALA D 37 -22.08 -0.14 10.83
N ILE D 38 -22.82 -0.46 11.89
CA ILE D 38 -22.43 -1.58 12.75
C ILE D 38 -22.46 -2.89 11.97
N ASP D 39 -23.51 -3.09 11.17
CA ASP D 39 -23.65 -4.33 10.41
C ASP D 39 -22.55 -4.46 9.36
N THR D 40 -22.01 -3.35 8.88
CA THR D 40 -20.99 -3.36 7.83
C THR D 40 -19.59 -3.41 8.40
N ALA D 41 -19.37 -2.86 9.59
CA ALA D 41 -18.03 -2.79 10.16
C ALA D 41 -17.52 -4.19 10.49
N THR D 42 -16.29 -4.46 10.06
CA THR D 42 -15.64 -5.72 10.40
C THR D 42 -14.81 -5.64 11.68
N GLU D 43 -14.47 -4.42 12.11
CA GLU D 43 -13.72 -4.20 13.34
C GLU D 43 -14.34 -3.04 14.09
N ILE D 44 -14.11 -3.02 15.41
CA ILE D 44 -14.67 -1.94 16.23
C ILE D 44 -14.09 -0.59 15.82
N GLY D 45 -12.84 -0.57 15.35
CA GLY D 45 -12.21 0.67 14.97
C GLY D 45 -12.79 1.30 13.71
N GLU D 46 -13.44 0.51 12.87
CA GLU D 46 -14.10 1.07 11.70
C GLU D 46 -15.31 1.91 12.05
N LEU D 47 -15.78 1.83 13.30
CA LEU D 47 -16.87 2.67 13.78
C LEU D 47 -16.38 3.96 14.43
N ASN D 48 -15.06 4.14 14.56
CA ASN D 48 -14.52 5.29 15.27
C ASN D 48 -14.50 6.53 14.37
N ARG D 49 -15.70 6.93 13.95
CA ARG D 49 -15.91 8.23 13.35
C ARG D 49 -16.23 9.23 14.45
N GLN D 50 -15.70 10.44 14.32
CA GLN D 50 -15.79 11.40 15.43
C GLN D 50 -17.24 11.80 15.71
N ILE D 51 -18.11 11.77 14.70
CA ILE D 51 -19.51 12.09 14.95
C ILE D 51 -20.18 11.00 15.78
N TYR D 52 -19.72 9.75 15.64
CA TYR D 52 -20.30 8.67 16.43
C TYR D 52 -19.88 8.76 17.90
N LYS D 53 -18.77 9.42 18.20
CA LYS D 53 -18.25 9.54 19.56
C LYS D 53 -18.10 8.15 20.19
N LEU D 54 -17.48 7.25 19.44
CA LEU D 54 -17.29 5.87 19.91
C LEU D 54 -16.40 5.85 21.15
N HIS D 55 -16.86 5.17 22.18
CA HIS D 55 -16.08 5.00 23.40
C HIS D 55 -16.67 3.83 24.19
N PRO D 56 -15.84 3.08 24.90
CA PRO D 56 -16.36 1.97 25.70
C PRO D 56 -17.01 2.47 26.99
N LEU D 57 -17.90 1.64 27.52
CA LEU D 57 -18.58 1.95 28.76
C LEU D 57 -17.80 1.39 29.95
N LYS D 58 -17.97 2.03 31.11
CA LYS D 58 -17.23 1.65 32.30
C LYS D 58 -18.12 0.93 33.31
N GLU D 62 -18.36 -3.21 31.37
CA GLU D 62 -17.15 -3.35 30.56
C GLU D 62 -17.33 -4.40 29.46
N GLY D 63 -16.83 -4.08 28.27
CA GLY D 63 -17.10 -4.86 27.09
C GLY D 63 -18.19 -4.29 26.22
N TYR D 64 -18.95 -3.32 26.73
CA TYR D 64 -19.97 -2.62 25.96
C TYR D 64 -19.38 -1.38 25.31
N TRP D 65 -20.09 -0.87 24.30
CA TRP D 65 -19.68 0.32 23.58
C TRP D 65 -20.88 1.22 23.34
N SER D 66 -20.61 2.48 23.06
CA SER D 66 -21.64 3.49 22.86
C SER D 66 -21.41 4.25 21.57
N ILE D 67 -22.48 4.47 20.81
CA ILE D 67 -22.44 5.24 19.57
C ILE D 67 -23.55 6.28 19.62
N THR D 68 -23.20 7.53 19.33
CA THR D 68 -24.15 8.63 19.44
C THR D 68 -25.03 8.70 18.21
N VAL D 69 -26.35 8.75 18.44
CA VAL D 69 -27.31 8.97 17.36
C VAL D 69 -27.51 10.47 17.20
N ARG D 70 -27.98 11.13 18.25
CA ARG D 70 -28.21 12.57 18.24
C ARG D 70 -28.39 13.08 19.66
N ALA D 71 -27.72 14.20 19.99
CA ALA D 71 -27.80 14.84 21.31
C ALA D 71 -27.40 13.81 22.36
N ASN D 72 -28.25 13.46 23.32
CA ASN D 72 -27.92 12.46 24.33
C ASN D 72 -28.43 11.06 23.99
N TRP D 73 -29.08 10.90 22.84
CA TRP D 73 -29.54 9.58 22.43
C TRP D 73 -28.39 8.78 21.83
N ARG D 74 -28.26 7.52 22.23
CA ARG D 74 -27.13 6.72 21.83
C ARG D 74 -27.55 5.27 21.62
N ILE D 75 -26.76 4.57 20.81
CA ILE D 75 -26.89 3.13 20.60
C ILE D 75 -25.79 2.44 21.39
N THR D 76 -26.16 1.44 22.18
CA THR D 76 -25.20 0.66 22.96
C THR D 76 -25.29 -0.80 22.60
N PHE D 77 -24.16 -1.50 22.69
CA PHE D 77 -24.12 -2.91 22.39
C PHE D 77 -22.93 -3.55 23.09
N GLN D 78 -22.99 -4.86 23.26
CA GLN D 78 -21.92 -5.64 23.86
C GLN D 78 -21.11 -6.32 22.76
N PHE D 79 -19.79 -6.17 22.84
CA PHE D 79 -18.89 -6.69 21.81
C PHE D 79 -18.30 -8.01 22.30
N ILE D 80 -18.83 -9.12 21.79
CA ILE D 80 -18.35 -10.46 22.16
C ILE D 80 -18.28 -11.30 20.89
N ASN D 81 -17.18 -12.04 20.73
CA ASN D 81 -16.99 -12.97 19.61
C ASN D 81 -17.04 -12.25 18.26
N GLY D 82 -16.63 -10.99 18.23
CA GLY D 82 -16.71 -10.21 17.01
C GLY D 82 -18.11 -9.82 16.59
N ASP D 83 -19.10 -10.02 17.46
CA ASP D 83 -20.49 -9.70 17.16
C ASP D 83 -20.99 -8.62 18.12
N ALA D 84 -22.18 -8.12 17.83
CA ALA D 84 -22.84 -7.09 18.63
C ALA D 84 -24.05 -7.68 19.32
N TYR D 85 -24.06 -7.62 20.65
CA TYR D 85 -25.14 -8.15 21.46
C TYR D 85 -25.82 -7.04 22.24
N ILE D 86 -27.05 -7.33 22.69
CA ILE D 86 -27.81 -6.47 23.58
C ILE D 86 -27.91 -5.06 23.01
N LEU D 87 -28.30 -4.94 21.75
CA LEU D 87 -28.41 -3.63 21.13
C LEU D 87 -29.53 -2.84 21.78
N ASN D 88 -29.20 -1.63 22.23
CA ASN D 88 -30.13 -0.79 22.96
C ASN D 88 -30.10 0.63 22.41
N TYR D 89 -31.21 1.34 22.54
CA TYR D 89 -31.31 2.74 22.16
C TYR D 89 -31.90 3.50 23.35
N GLU D 90 -31.10 4.38 23.95
CA GLU D 90 -31.46 4.99 25.23
C GLU D 90 -31.03 6.45 25.26
N ASP D 91 -31.72 7.24 26.07
CA ASP D 91 -31.34 8.64 26.33
C ASP D 91 -30.44 8.65 27.56
N TYR D 92 -29.17 8.98 27.36
CA TYR D 92 -28.20 8.95 28.47
C TYR D 92 -27.50 10.30 28.59
N ARG G 2 28.92 13.83 -6.27
CA ARG G 2 28.19 13.77 -5.02
C ARG G 2 28.38 15.06 -4.22
N GLN G 3 27.37 15.38 -3.40
CA GLN G 3 27.42 16.58 -2.59
C GLN G 3 28.47 16.43 -1.50
N PHE G 4 29.30 17.45 -1.33
CA PHE G 4 30.40 17.37 -0.37
C PHE G 4 29.88 17.29 1.07
N LYS G 5 29.09 18.27 1.48
CA LYS G 5 28.59 18.36 2.85
C LYS G 5 27.14 17.91 2.88
N VAL G 6 26.85 16.87 3.65
CA VAL G 6 25.49 16.41 3.88
C VAL G 6 25.15 16.55 5.36
N SER G 7 23.89 16.87 5.63
CA SER G 7 23.41 17.08 6.99
C SER G 7 22.53 15.91 7.42
N HIS G 8 22.51 15.67 8.72
CA HIS G 8 21.54 14.74 9.29
C HIS G 8 20.13 15.24 8.99
N PRO G 9 19.22 14.37 8.57
CA PRO G 9 17.87 14.84 8.22
C PRO G 9 17.16 15.55 9.36
N GLY G 10 17.40 15.14 10.61
CA GLY G 10 16.78 15.82 11.73
C GLY G 10 17.19 17.27 11.86
N GLU G 11 18.48 17.55 11.64
CA GLU G 11 18.95 18.94 11.73
C GLU G 11 18.40 19.80 10.59
N ILE G 13 15.32 19.36 9.40
CA ILE G 13 13.95 19.62 9.83
C ILE G 13 13.92 20.70 10.91
N ALA G 14 14.87 20.66 11.84
CA ALA G 14 14.93 21.71 12.87
C ALA G 14 15.15 23.08 12.24
N ARG G 15 15.98 23.15 11.20
CA ARG G 15 16.15 24.41 10.48
C ARG G 15 14.84 24.83 9.82
N ASP G 16 14.06 23.87 9.32
CA ASP G 16 12.80 24.20 8.69
C ASP G 16 11.75 24.62 9.71
N LEU G 17 11.64 23.88 10.80
CA LEU G 17 10.68 24.26 11.85
C LEU G 17 11.02 25.62 12.44
N GLU G 18 12.30 25.94 12.55
CA GLU G 18 12.71 27.25 13.04
C GLU G 18 12.21 28.35 12.11
N ASP G 19 12.34 28.15 10.80
CA ASP G 19 11.87 29.14 9.83
C ASP G 19 10.36 29.15 9.69
N GLY G 21 8.40 28.72 12.48
CA GLY G 21 7.89 29.12 13.79
C GLY G 21 7.17 28.03 14.53
N VAL G 22 7.43 26.76 14.21
CA VAL G 22 6.75 25.64 14.83
C VAL G 22 7.67 25.02 15.88
N SER G 23 7.22 25.01 17.12
CA SER G 23 8.01 24.42 18.20
C SER G 23 8.11 22.91 18.04
N GLY G 24 9.11 22.34 18.71
CA GLY G 24 9.25 20.89 18.68
C GLY G 24 8.08 20.19 19.36
N ARG G 25 7.52 20.79 20.40
CA ARG G 25 6.39 20.19 21.10
C ARG G 25 5.16 20.12 20.20
N ARG G 26 4.90 21.19 19.45
CA ARG G 26 3.74 21.19 18.55
C ARG G 26 3.95 20.27 17.36
N PHE G 27 5.18 20.17 16.87
CA PHE G 27 5.48 19.21 15.81
C PHE G 27 5.24 17.78 16.29
N ALA G 28 5.67 17.48 17.51
CA ALA G 28 5.47 16.14 18.07
C ALA G 28 3.98 15.84 18.22
N HIS G 29 3.22 16.78 18.77
CA HIS G 29 1.79 16.59 18.93
C HIS G 29 1.11 16.39 17.58
N ASN G 30 1.63 17.02 16.53
CA ASN G 30 1.02 16.90 15.21
C ASN G 30 1.27 15.52 14.62
N ILE G 31 2.53 15.12 14.52
CA ILE G 31 2.87 13.86 13.85
C ILE G 31 2.60 12.64 14.73
N GLY G 32 2.43 12.82 16.04
CA GLY G 32 1.98 11.76 16.90
C GLY G 32 3.04 11.00 17.67
N VAL G 33 4.18 11.63 17.98
CA VAL G 33 5.19 11.04 18.84
C VAL G 33 5.43 12.00 20.01
N THR G 34 6.20 11.53 20.99
CA THR G 34 6.45 12.35 22.15
C THR G 34 7.49 13.43 21.83
N PRO G 35 7.44 14.57 22.53
CA PRO G 35 8.44 15.62 22.29
C PRO G 35 9.87 15.16 22.51
N ALA G 36 10.08 14.10 23.29
CA ALA G 36 11.42 13.54 23.45
C ALA G 36 11.95 13.02 22.12
N THR G 37 11.12 12.27 21.38
CA THR G 37 11.55 11.73 20.09
C THR G 37 11.91 12.84 19.12
N VAL G 38 11.05 13.87 19.02
CA VAL G 38 11.34 14.99 18.14
C VAL G 38 12.63 15.68 18.57
N SER G 39 12.81 15.89 19.87
CA SER G 39 14.02 16.55 20.35
C SER G 39 15.27 15.78 19.97
N ARG G 40 15.25 14.45 20.14
CA ARG G 40 16.41 13.65 19.77
C ARG G 40 16.57 13.56 18.26
N LEU G 41 15.48 13.62 17.52
CA LEU G 41 15.58 13.67 16.06
C LEU G 41 16.17 15.00 15.60
N LEU G 42 15.60 16.12 16.04
CA LEU G 42 16.08 17.42 15.61
C LEU G 42 17.51 17.68 16.06
N ALA G 43 17.94 17.05 17.14
CA ALA G 43 19.32 17.18 17.60
C ALA G 43 20.28 16.26 16.86
N GLY G 44 19.80 15.47 15.91
CA GLY G 44 20.66 14.55 15.19
C GLY G 44 21.22 13.43 16.04
N LYS G 45 20.51 13.02 17.08
CA LYS G 45 20.96 11.94 17.96
C LYS G 45 20.36 10.59 17.61
N THR G 46 19.15 10.56 17.04
CA THR G 46 18.54 9.34 16.56
C THR G 46 18.20 9.48 15.08
N ALA G 47 18.04 8.34 14.41
CA ALA G 47 17.85 8.34 12.97
C ALA G 47 16.38 8.54 12.62
N LEU G 48 16.16 9.02 11.39
CA LEU G 48 14.83 9.15 10.83
C LEU G 48 14.40 7.77 10.33
N THR G 49 13.55 7.09 11.10
CA THR G 49 13.17 5.72 10.80
C THR G 49 12.06 5.69 9.75
N PRO G 50 11.81 4.52 9.15
CA PRO G 50 10.69 4.42 8.19
C PRO G 50 9.36 4.88 8.75
N SER G 51 9.07 4.60 10.03
CA SER G 51 7.82 5.04 10.62
C SER G 51 7.76 6.55 10.75
N LEU G 52 8.88 7.19 11.12
CA LEU G 52 8.91 8.64 11.18
C LEU G 52 8.76 9.27 9.81
N SER G 53 9.36 8.65 8.79
CA SER G 53 9.26 9.19 7.43
C SER G 53 7.82 9.23 6.96
N ILE G 54 6.99 8.28 7.41
CA ILE G 54 5.57 8.31 7.06
C ILE G 54 4.87 9.44 7.78
N ARG G 55 5.14 9.61 9.08
CA ARG G 55 4.53 10.69 9.84
C ARG G 55 5.02 12.05 9.35
N ILE G 56 6.31 12.17 9.05
CA ILE G 56 6.89 13.47 8.71
C ILE G 56 6.37 13.94 7.35
N ALA G 57 6.26 13.02 6.38
CA ALA G 57 5.77 13.41 5.06
C ALA G 57 4.33 13.92 5.14
N ALA G 58 3.55 13.44 6.10
CA ALA G 58 2.17 13.88 6.26
C ALA G 58 2.08 15.29 6.83
N ALA G 59 3.17 15.84 7.35
CA ALA G 59 3.18 17.18 7.91
C ALA G 59 4.05 18.16 7.13
N LEU G 60 5.23 17.73 6.68
CA LEU G 60 6.18 18.60 6.00
C LEU G 60 6.13 18.46 4.48
N GLY G 61 5.28 17.60 3.95
CA GLY G 61 5.20 17.40 2.52
C GLY G 61 6.19 16.38 2.01
N SER G 62 6.27 16.32 0.68
CA SER G 62 7.08 15.34 -0.04
C SER G 62 6.60 13.92 0.27
N THR G 63 7.40 12.92 -0.10
CA THR G 63 6.97 11.54 0.07
C THR G 63 7.73 10.88 1.22
N PRO G 64 7.16 9.83 1.83
CA PRO G 64 7.93 9.11 2.87
C PRO G 64 9.26 8.59 2.38
N GLU G 65 9.33 8.10 1.14
CA GLU G 65 10.58 7.55 0.62
C GLU G 65 11.62 8.63 0.41
N PHE G 66 11.20 9.87 0.14
CA PHE G 66 12.17 10.96 0.05
C PHE G 66 12.88 11.17 1.38
N TRP G 67 12.11 11.26 2.46
CA TRP G 67 12.71 11.48 3.78
C TRP G 67 13.58 10.29 4.20
N LEU G 68 13.13 9.06 3.88
CA LEU G 68 13.93 7.90 4.22
C LEU G 68 15.18 7.81 3.36
N ARG G 69 15.12 8.32 2.12
CA ARG G 69 16.30 8.36 1.28
C ARG G 69 17.34 9.32 1.84
N LEU G 70 16.90 10.41 2.48
CA LEU G 70 17.84 11.32 3.13
C LEU G 70 18.61 10.63 4.24
N GLN G 71 17.91 9.85 5.06
CA GLN G 71 18.59 9.14 6.14
C GLN G 71 19.51 8.04 5.59
N SER G 72 19.05 7.35 4.55
CA SER G 72 19.85 6.27 3.98
C SER G 72 21.14 6.80 3.37
N ASN G 73 21.06 7.87 2.57
CA ASN G 73 22.26 8.49 2.03
C ASN G 73 23.18 8.97 3.14
N TYR G 74 22.60 9.56 4.20
CA TYR G 74 23.40 10.02 5.32
C TYR G 74 24.05 8.86 6.06
N ASP G 75 23.31 7.76 6.24
CA ASP G 75 23.87 6.58 6.90
C ASP G 75 25.08 6.04 6.13
N LEU G 76 24.98 5.97 4.81
CA LEU G 76 26.09 5.47 4.01
C LEU G 76 27.27 6.42 4.06
N ARG G 77 27.01 7.73 4.11
CA ARG G 77 28.11 8.68 4.22
C ARG G 77 28.86 8.52 5.53
N GLN G 78 28.15 8.16 6.61
CA GLN G 78 28.81 7.98 7.89
C GLN G 78 29.63 6.68 7.89
N LEU G 79 29.15 5.65 7.21
CA LEU G 79 29.88 4.40 7.06
C LEU G 79 30.91 4.45 5.93
N GLU G 80 31.22 5.64 5.42
CA GLU G 80 32.18 5.77 4.34
C GLU G 80 33.58 5.47 4.84
N ASN G 81 34.29 4.60 4.12
CA ASN G 81 35.66 4.18 4.44
C ASN G 81 35.77 3.61 5.85
N GLN G 82 34.67 3.09 6.39
CA GLN G 82 34.66 2.42 7.67
C GLN G 82 34.56 0.91 7.55
N ILE G 83 34.15 0.40 6.39
CA ILE G 83 34.05 -1.03 6.12
C ILE G 83 35.09 -1.38 5.08
N ASP G 84 35.96 -2.33 5.40
CA ASP G 84 36.99 -2.79 4.48
C ASP G 84 36.36 -3.73 3.47
N THR G 85 36.29 -3.29 2.20
CA THR G 85 35.77 -4.11 1.12
C THR G 85 36.88 -4.53 0.14
N SER G 86 38.14 -4.23 0.46
CA SER G 86 39.24 -4.56 -0.44
C SER G 86 39.31 -6.06 -0.71
N GLY G 87 38.94 -6.88 0.26
CA GLY G 87 38.96 -8.32 0.09
C GLY G 87 37.75 -8.93 -0.58
N ILE G 88 36.75 -8.12 -0.93
CA ILE G 88 35.55 -8.62 -1.59
C ILE G 88 35.79 -8.65 -3.09
N VAL G 89 35.44 -9.77 -3.72
CA VAL G 89 35.64 -9.98 -5.15
C VAL G 89 34.33 -9.69 -5.87
N LEU G 90 34.39 -8.83 -6.87
CA LEU G 90 33.25 -8.61 -7.75
C LEU G 90 33.07 -9.83 -8.65
N TYR G 91 31.84 -10.37 -8.66
CA TYR G 91 31.56 -11.52 -9.51
C TYR G 91 31.51 -11.12 -10.97
N GLY G 92 32.03 -11.99 -11.83
CA GLY G 92 32.08 -11.70 -13.25
C GLY G 92 33.49 -11.40 -13.71
N GLU G 93 33.65 -10.34 -14.49
CA GLU G 93 34.95 -9.95 -15.03
C GLU G 93 35.51 -8.76 -14.27
N SER G 94 36.81 -8.81 -14.00
CA SER G 94 37.52 -7.71 -13.37
C SER G 94 38.04 -6.77 -14.44
N ASN G 95 38.83 -5.76 -14.04
CA ASN G 95 39.41 -4.84 -15.00
C ASN G 95 40.35 -5.57 -15.96
N GLU G 96 41.22 -6.42 -15.42
CA GLU G 96 42.16 -7.15 -16.27
C GLU G 96 41.45 -8.16 -17.15
N GLN G 97 40.38 -8.78 -16.66
CA GLN G 97 39.65 -9.74 -17.47
C GLN G 97 38.86 -9.08 -18.59
N GLN G 98 38.40 -7.85 -18.37
CA GLN G 98 37.74 -7.10 -19.44
C GLN G 98 38.72 -6.63 -20.50
N GLN G 99 40.01 -6.51 -20.16
CA GLN G 99 40.99 -6.07 -21.14
C GLN G 99 41.33 -7.19 -22.11
N ASN G 100 41.46 -8.42 -21.60
CA ASN G 100 41.79 -9.55 -22.46
C ASN G 100 40.70 -9.84 -23.48
N ALA G 101 39.45 -9.48 -23.16
CA ALA G 101 38.34 -9.66 -24.11
C ALA G 101 38.46 -8.73 -25.31
N GLN G 102 39.38 -7.78 -25.29
CA GLN G 102 39.57 -6.87 -26.42
C GLN G 102 40.92 -7.14 -27.09
N ILE H 3 22.66 16.99 -10.47
CA ILE H 3 22.96 18.36 -10.87
C ILE H 3 24.15 18.32 -11.82
N LYS H 4 23.96 18.82 -13.03
CA LYS H 4 24.94 18.70 -14.09
C LYS H 4 25.73 19.97 -14.35
N SER H 5 25.13 21.14 -14.16
CA SER H 5 25.82 22.40 -14.43
C SER H 5 25.36 23.45 -13.43
N PHE H 6 26.28 24.35 -13.08
CA PHE H 6 26.02 25.45 -12.17
C PHE H 6 26.21 26.75 -12.92
N LYS H 7 25.19 27.61 -12.90
CA LYS H 7 25.38 28.98 -13.37
C LYS H 7 25.99 29.85 -12.27
N HIS H 8 25.56 29.66 -11.03
CA HIS H 8 26.11 30.36 -9.88
C HIS H 8 27.31 29.58 -9.37
N LYS H 9 28.50 30.16 -9.49
CA LYS H 9 29.72 29.44 -9.15
C LYS H 9 29.91 29.30 -7.64
N GLY H 10 29.23 30.11 -6.84
CA GLY H 10 29.27 29.90 -5.39
C GLY H 10 28.52 28.66 -4.97
N LEU H 11 27.42 28.35 -5.65
CA LEU H 11 26.73 27.09 -5.42
C LEU H 11 27.63 25.92 -5.78
N LYS H 12 28.39 26.04 -6.86
CA LYS H 12 29.27 24.97 -7.30
C LYS H 12 30.34 24.68 -6.24
N LEU H 13 30.97 25.73 -5.71
CA LEU H 13 31.96 25.54 -4.66
C LEU H 13 31.35 24.87 -3.43
N LEU H 14 30.11 25.25 -3.09
CA LEU H 14 29.46 24.66 -1.92
C LEU H 14 29.14 23.19 -2.15
N PHE H 15 28.51 22.88 -3.29
CA PHE H 15 28.06 21.52 -3.54
C PHE H 15 29.24 20.57 -3.78
N GLU H 16 30.16 20.97 -4.64
CA GLU H 16 31.22 20.05 -5.06
C GLU H 16 32.39 20.00 -4.08
N LYS H 17 32.66 21.10 -3.37
CA LYS H 17 33.84 21.17 -2.53
C LYS H 17 33.55 21.53 -1.07
N GLY H 18 32.30 21.78 -0.71
CA GLY H 18 31.99 22.21 0.64
C GLY H 18 32.53 23.59 0.98
N VAL H 19 32.86 24.39 -0.02
CA VAL H 19 33.44 25.72 0.19
C VAL H 19 32.33 26.76 0.25
N THR H 20 32.37 27.61 1.27
CA THR H 20 31.29 28.54 1.55
C THR H 20 31.61 29.98 1.17
N SER H 21 32.74 30.23 0.52
CA SER H 21 33.15 31.61 0.25
C SER H 21 32.32 32.28 -0.85
N GLY H 22 31.47 31.53 -1.55
CA GLY H 22 30.74 32.11 -2.67
C GLY H 22 29.25 32.30 -2.45
N VAL H 23 28.77 32.01 -1.25
CA VAL H 23 27.36 32.20 -0.91
C VAL H 23 27.28 33.01 0.37
N PRO H 24 26.17 33.73 0.59
CA PRO H 24 26.04 34.51 1.83
C PRO H 24 26.12 33.62 3.06
N ALA H 25 26.72 34.16 4.12
CA ALA H 25 27.00 33.37 5.32
C ALA H 25 25.72 32.92 6.01
N GLN H 26 24.72 33.80 6.11
CA GLN H 26 23.50 33.47 6.82
C GLN H 26 22.64 32.45 6.10
N ASP H 27 22.96 32.11 4.86
CA ASP H 27 22.15 31.19 4.08
C ASP H 27 22.87 29.90 3.71
N VAL H 28 24.07 29.67 4.22
CA VAL H 28 24.85 28.49 3.84
C VAL H 28 24.08 27.21 4.19
N ASP H 29 23.59 27.13 5.43
CA ASP H 29 22.89 25.93 5.87
C ASP H 29 21.59 25.71 5.11
N ARG H 30 20.83 26.78 4.85
CA ARG H 30 19.59 26.63 4.12
C ARG H 30 19.84 26.28 2.64
N ILE H 31 20.84 26.92 2.03
CA ILE H 31 21.17 26.61 0.64
C ILE H 31 21.61 25.15 0.52
N ASN H 32 22.49 24.71 1.43
CA ASN H 32 22.98 23.34 1.37
C ASN H 32 21.84 22.35 1.60
N ASP H 33 20.89 22.69 2.49
CA ASP H 33 19.74 21.82 2.71
C ASP H 33 18.93 21.65 1.44
N ARG H 34 18.70 22.74 0.70
CA ARG H 34 17.90 22.65 -0.52
C ARG H 34 18.67 21.99 -1.64
N LEU H 35 20.00 22.14 -1.67
CA LEU H 35 20.81 21.38 -2.62
C LEU H 35 20.75 19.89 -2.30
N GLN H 36 20.74 19.54 -1.02
CA GLN H 36 20.61 18.14 -0.63
C GLN H 36 19.23 17.59 -0.99
N ALA H 37 18.19 18.44 -0.95
CA ALA H 37 16.86 18.00 -1.33
C ALA H 37 16.78 17.74 -2.83
N ILE H 38 17.33 18.63 -3.64
CA ILE H 38 17.35 18.43 -5.09
C ILE H 38 18.15 17.18 -5.43
N ASP H 39 19.29 17.00 -4.78
CA ASP H 39 20.14 15.84 -5.06
C ASP H 39 19.48 14.52 -4.66
N THR H 40 18.53 14.55 -3.73
CA THR H 40 17.86 13.36 -3.25
C THR H 40 16.55 13.08 -3.95
N ALA H 41 15.89 14.10 -4.50
CA ALA H 41 14.59 13.92 -5.11
C ALA H 41 14.72 13.12 -6.41
N THR H 42 13.95 12.04 -6.52
CA THR H 42 13.90 11.27 -7.76
C THR H 42 12.89 11.81 -8.74
N GLU H 43 11.93 12.62 -8.26
CA GLU H 43 10.94 13.27 -9.12
C GLU H 43 10.82 14.73 -8.70
N ILE H 44 10.29 15.55 -9.62
CA ILE H 44 10.14 16.96 -9.33
C ILE H 44 9.11 17.18 -8.23
N GLY H 45 8.09 16.33 -8.15
CA GLY H 45 7.04 16.48 -7.15
C GLY H 45 7.52 16.22 -5.74
N GLU H 46 8.62 15.50 -5.57
CA GLU H 46 9.18 15.29 -4.24
C GLU H 46 9.75 16.57 -3.65
N LEU H 47 9.95 17.61 -4.46
CA LEU H 47 10.35 18.92 -3.98
C LEU H 47 9.17 19.83 -3.70
N ASN H 48 7.94 19.35 -3.88
CA ASN H 48 6.76 20.19 -3.71
C ASN H 48 6.40 20.36 -2.24
N ARG H 49 7.36 20.78 -1.42
CA ARG H 49 7.07 21.18 -0.05
C ARG H 49 6.64 22.63 -0.03
N GLN H 50 5.66 22.94 0.81
CA GLN H 50 5.06 24.26 0.77
C GLN H 50 6.05 25.36 1.17
N ILE H 51 7.02 25.04 2.04
CA ILE H 51 8.02 26.04 2.39
C ILE H 51 8.92 26.35 1.21
N TYR H 52 9.10 25.40 0.30
CA TYR H 52 9.93 25.64 -0.87
C TYR H 52 9.26 26.51 -1.92
N LYS H 53 7.94 26.59 -1.89
CA LYS H 53 7.16 27.36 -2.87
C LYS H 53 7.56 26.98 -4.29
N LEU H 54 7.58 25.67 -4.55
CA LEU H 54 7.95 25.16 -5.85
C LEU H 54 6.93 25.60 -6.91
N HIS H 55 7.42 26.20 -7.98
CA HIS H 55 6.54 26.66 -9.06
C HIS H 55 7.40 26.70 -10.28
N PRO H 56 6.89 26.44 -11.55
CA PRO H 56 7.67 26.59 -12.78
C PRO H 56 7.75 28.04 -13.23
N LEU H 57 8.85 28.38 -13.89
CA LEU H 57 9.04 29.70 -14.46
C LEU H 57 8.43 29.76 -15.85
N LYS H 58 7.96 30.94 -16.21
CA LYS H 58 7.21 31.12 -17.46
C LYS H 58 7.96 31.99 -18.46
N GLU H 62 10.75 28.87 -19.65
CA GLU H 62 9.93 27.67 -19.48
C GLU H 62 10.81 26.44 -19.34
N GLY H 63 10.34 25.44 -18.59
CA GLY H 63 11.14 24.30 -18.24
C GLY H 63 12.00 24.49 -17.01
N TYR H 64 12.14 25.72 -16.52
CA TYR H 64 12.86 26.02 -15.30
C TYR H 64 11.91 25.93 -14.11
N TRP H 65 12.51 25.80 -12.92
CA TRP H 65 11.75 25.75 -11.68
C TRP H 65 12.43 26.62 -10.64
N SER H 66 11.65 27.05 -9.66
CA SER H 66 12.16 27.92 -8.58
C SER H 66 11.94 27.27 -7.21
N ILE H 67 12.93 27.40 -6.35
CA ILE H 67 12.87 26.94 -4.97
C ILE H 67 13.24 28.11 -4.08
N THR H 68 12.38 28.42 -3.11
CA THR H 68 12.63 29.53 -2.20
C THR H 68 13.64 29.13 -1.13
N VAL H 69 14.64 29.98 -0.93
CA VAL H 69 15.62 29.80 0.13
C VAL H 69 15.16 30.57 1.36
N ARG H 70 15.05 31.89 1.21
CA ARG H 70 14.59 32.77 2.28
C ARG H 70 14.21 34.13 1.69
N ALA H 71 13.05 34.65 2.10
CA ALA H 71 12.54 35.95 1.63
C ALA H 71 12.42 35.89 0.12
N ASN H 72 13.22 36.65 -0.60
CA ASN H 72 13.11 36.66 -2.08
C ASN H 72 14.28 35.90 -2.71
N TRP H 73 15.18 35.39 -1.89
CA TRP H 73 16.29 34.59 -2.41
C TRP H 73 15.80 33.22 -2.81
N ARG H 74 16.20 32.80 -4.00
CA ARG H 74 15.65 31.59 -4.64
C ARG H 74 16.76 30.79 -5.33
N ILE H 75 16.52 29.49 -5.46
CA ILE H 75 17.36 28.62 -6.28
C ILE H 75 16.56 28.25 -7.52
N THR H 76 17.14 28.48 -8.69
CA THR H 76 16.52 28.13 -9.96
C THR H 76 17.36 27.10 -10.69
N PHE H 77 16.69 26.24 -11.45
CA PHE H 77 17.38 25.24 -12.25
C PHE H 77 16.49 24.87 -13.44
N GLN H 78 17.12 24.29 -14.45
CA GLN H 78 16.42 23.80 -15.63
C GLN H 78 16.26 22.29 -15.54
N PHE H 79 15.03 21.82 -15.65
CA PHE H 79 14.70 20.40 -15.53
C PHE H 79 14.64 19.79 -16.92
N ILE H 80 15.60 18.91 -17.22
CA ILE H 80 15.64 18.22 -18.50
C ILE H 80 16.39 16.91 -18.30
N ASN H 81 15.88 15.84 -18.92
CA ASN H 81 16.45 14.49 -18.81
C ASN H 81 16.45 13.99 -17.38
N GLY H 82 15.51 14.47 -16.57
CA GLY H 82 15.47 14.10 -15.17
C GLY H 82 16.58 14.70 -14.33
N ASP H 83 17.40 15.59 -14.90
CA ASP H 83 18.50 16.23 -14.21
C ASP H 83 18.22 17.72 -14.04
N ALA H 84 19.04 18.34 -13.20
CA ALA H 84 18.94 19.78 -12.93
C ALA H 84 20.15 20.47 -13.55
N TYR H 85 19.88 21.38 -14.48
CA TYR H 85 20.92 22.16 -15.14
C TYR H 85 20.82 23.62 -14.75
N ILE H 86 21.94 24.33 -14.93
CA ILE H 86 22.01 25.78 -14.74
C ILE H 86 21.52 26.15 -13.34
N LEU H 87 22.14 25.58 -12.32
CA LEU H 87 21.78 25.91 -10.95
C LEU H 87 22.18 27.34 -10.63
N ASN H 88 21.23 28.12 -10.12
CA ASN H 88 21.46 29.53 -9.86
C ASN H 88 20.89 29.89 -8.50
N TYR H 89 21.42 30.98 -7.94
CA TYR H 89 20.96 31.54 -6.67
C TYR H 89 20.86 33.05 -6.85
N GLU H 90 19.62 33.55 -6.83
CA GLU H 90 19.27 34.91 -7.27
C GLU H 90 18.24 35.52 -6.33
N ASP H 91 18.37 36.83 -6.08
CA ASP H 91 17.35 37.60 -5.33
C ASP H 91 16.32 38.10 -6.33
N TYR H 92 15.15 37.47 -6.37
CA TYR H 92 14.10 37.87 -7.33
C TYR H 92 12.85 38.31 -6.55
N ARG I 2 3.15 2.88 -9.05
CA ARG I 2 4.05 2.05 -8.27
C ARG I 2 3.93 0.59 -8.68
N GLN I 3 5.01 -0.16 -8.48
CA GLN I 3 5.00 -1.58 -8.76
C GLN I 3 4.08 -2.30 -7.78
N PHE I 4 3.30 -3.25 -8.30
CA PHE I 4 2.31 -3.91 -7.46
C PHE I 4 2.97 -4.88 -6.48
N LYS I 5 3.80 -5.79 -6.98
CA LYS I 5 4.43 -6.81 -6.18
C LYS I 5 5.91 -6.50 -6.01
N VAL I 6 6.34 -6.29 -4.77
CA VAL I 6 7.76 -6.07 -4.48
C VAL I 6 8.25 -7.20 -3.60
N SER I 7 9.51 -7.57 -3.80
CA SER I 7 10.13 -8.66 -3.06
C SER I 7 11.13 -8.12 -2.04
N HIS I 8 11.28 -8.86 -0.95
CA HIS I 8 12.37 -8.60 -0.03
C HIS I 8 13.69 -8.66 -0.78
N PRO I 9 14.61 -7.72 -0.58
CA PRO I 9 15.85 -7.72 -1.37
C PRO I 9 16.66 -9.00 -1.23
N GLY I 10 16.58 -9.67 -0.08
CA GLY I 10 17.31 -10.92 0.10
C GLY I 10 16.81 -12.03 -0.79
N GLU I 11 15.50 -12.11 -1.00
CA GLU I 11 14.95 -13.12 -1.90
C GLU I 11 15.36 -12.87 -3.34
N ILE I 13 18.29 -11.51 -4.16
CA ILE I 13 19.68 -11.94 -4.18
C ILE I 13 19.78 -13.46 -4.22
N ALA I 14 18.91 -14.13 -3.46
CA ALA I 14 18.94 -15.59 -3.44
C ALA I 14 18.64 -16.17 -4.81
N ARG I 15 17.70 -15.56 -5.54
CA ARG I 15 17.43 -16.01 -6.90
C ARG I 15 18.59 -15.69 -7.84
N ASP I 16 19.28 -14.57 -7.61
CA ASP I 16 20.44 -14.25 -8.42
C ASP I 16 21.58 -15.22 -8.18
N LEU I 17 21.87 -15.52 -6.91
CA LEU I 17 22.95 -16.44 -6.57
C LEU I 17 22.67 -17.84 -7.10
N GLU I 18 21.41 -18.27 -7.05
CA GLU I 18 21.07 -19.56 -7.63
C GLU I 18 21.31 -19.58 -9.13
N ASP I 19 20.97 -18.48 -9.81
CA ASP I 19 21.25 -18.39 -11.24
C ASP I 19 22.73 -18.27 -11.54
N GLY I 21 25.01 -19.84 -9.61
CA GLY I 21 25.64 -21.03 -9.08
C GLY I 21 26.55 -20.76 -7.90
N VAL I 22 26.28 -19.71 -7.14
CA VAL I 22 27.09 -19.33 -5.99
C VAL I 22 26.34 -19.72 -4.72
N SER I 23 26.97 -20.52 -3.88
CA SER I 23 26.36 -20.92 -2.63
C SER I 23 26.33 -19.76 -1.64
N GLY I 24 25.40 -19.83 -0.69
CA GLY I 24 25.35 -18.82 0.35
C GLY I 24 26.61 -18.78 1.19
N ARG I 25 27.26 -19.93 1.36
CA ARG I 25 28.49 -19.99 2.14
C ARG I 25 29.63 -19.27 1.44
N ARG I 26 29.77 -19.48 0.13
CA ARG I 26 30.82 -18.79 -0.62
C ARG I 26 30.52 -17.30 -0.75
N PHE I 27 29.25 -16.93 -0.85
CA PHE I 27 28.87 -15.52 -0.85
C PHE I 27 29.23 -14.87 0.47
N ALA I 28 28.96 -15.55 1.59
CA ALA I 28 29.30 -15.02 2.91
C ALA I 28 30.81 -14.86 3.07
N HIS I 29 31.57 -15.88 2.67
CA HIS I 29 33.03 -15.79 2.75
C HIS I 29 33.55 -14.64 1.90
N ASN I 30 32.91 -14.39 0.75
CA ASN I 30 33.35 -13.32 -0.15
C ASN I 30 33.08 -11.96 0.48
N ILE I 31 31.83 -11.69 0.85
CA ILE I 31 31.48 -10.35 1.33
C ILE I 31 31.91 -10.11 2.78
N GLY I 32 32.25 -11.15 3.53
CA GLY I 32 32.84 -10.96 4.84
C GLY I 32 31.89 -11.00 6.01
N VAL I 33 30.82 -11.82 5.94
CA VAL I 33 29.95 -12.07 7.08
C VAL I 33 29.82 -13.57 7.24
N THR I 34 29.17 -13.97 8.33
CA THR I 34 29.01 -15.40 8.57
C THR I 34 27.91 -15.97 7.66
N PRO I 35 28.03 -17.25 7.29
CA PRO I 35 26.94 -17.88 6.52
C PRO I 35 25.59 -17.80 7.21
N ALA I 36 25.57 -17.75 8.53
CA ALA I 36 24.31 -17.53 9.26
C ALA I 36 23.62 -16.26 8.79
N THR I 37 24.38 -15.17 8.68
CA THR I 37 23.80 -13.89 8.29
C THR I 37 23.25 -13.95 6.87
N VAL I 38 24.02 -14.52 5.93
CA VAL I 38 23.54 -14.62 4.56
C VAL I 38 22.29 -15.48 4.48
N SER I 39 22.26 -16.57 5.26
CA SER I 39 21.08 -17.44 5.26
C SER I 39 19.83 -16.68 5.69
N ARG I 40 19.95 -15.85 6.73
CA ARG I 40 18.79 -15.10 7.20
C ARG I 40 18.44 -13.96 6.26
N LEU I 41 19.43 -13.39 5.57
CA LEU I 41 19.14 -12.39 4.56
C LEU I 41 18.43 -13.02 3.36
N LEU I 42 19.02 -14.08 2.79
CA LEU I 42 18.44 -14.71 1.60
C LEU I 42 17.07 -15.31 1.90
N ALA I 43 16.81 -15.70 3.14
CA ALA I 43 15.49 -16.20 3.51
C ALA I 43 14.52 -15.07 3.82
N GLY I 44 14.93 -13.82 3.69
CA GLY I 44 14.04 -12.70 3.97
C GLY I 44 13.66 -12.54 5.42
N LYS I 45 14.45 -13.07 6.35
CA LYS I 45 14.16 -12.95 7.77
C LYS I 45 14.76 -11.68 8.39
N THR I 46 15.90 -11.21 7.89
CA THR I 46 16.50 -9.97 8.36
C THR I 46 16.67 -9.00 7.20
N ALA I 47 16.82 -7.74 7.53
CA ALA I 47 16.83 -6.67 6.54
C ALA I 47 18.23 -6.45 5.98
N LEU I 48 18.26 -5.84 4.80
CA LEU I 48 19.51 -5.43 4.17
C LEU I 48 19.94 -4.11 4.81
N THR I 49 20.92 -4.17 5.69
CA THR I 49 21.36 -3.00 6.44
C THR I 49 22.34 -2.17 5.62
N PRO I 50 22.57 -0.90 6.01
CA PRO I 50 23.59 -0.10 5.32
C PRO I 50 24.94 -0.76 5.25
N SER I 51 25.38 -1.43 6.32
CA SER I 51 26.64 -2.15 6.29
C SER I 51 26.63 -3.25 5.23
N LEU I 52 25.53 -4.00 5.12
CA LEU I 52 25.44 -5.05 4.13
C LEU I 52 25.41 -4.49 2.71
N SER I 53 24.72 -3.37 2.51
CA SER I 53 24.61 -2.79 1.17
C SER I 53 25.97 -2.39 0.63
N ILE I 54 26.89 -2.00 1.51
CA ILE I 54 28.25 -1.68 1.06
C ILE I 54 28.98 -2.95 0.65
N ARG I 55 28.84 -4.02 1.44
CA ARG I 55 29.49 -5.28 1.12
C ARG I 55 28.87 -5.92 -0.13
N ILE I 56 27.54 -5.87 -0.24
CA ILE I 56 26.86 -6.55 -1.34
C ILE I 56 27.15 -5.85 -2.66
N ALA I 57 27.20 -4.52 -2.66
CA ALA I 57 27.52 -3.80 -3.89
C ALA I 57 28.92 -4.14 -4.39
N ALA I 58 29.84 -4.42 -3.48
CA ALA I 58 31.20 -4.78 -3.87
C ALA I 58 31.28 -6.15 -4.54
N ALA I 59 30.25 -6.98 -4.37
CA ALA I 59 30.21 -8.32 -4.96
C ALA I 59 29.23 -8.45 -6.10
N LEU I 60 27.99 -7.97 -5.92
CA LEU I 60 26.94 -8.15 -6.91
C LEU I 60 26.83 -6.98 -7.89
N GLY I 61 27.63 -5.94 -7.71
CA GLY I 61 27.55 -4.78 -8.58
C GLY I 61 26.58 -3.73 -8.07
N SER I 62 26.38 -2.72 -8.92
CA SER I 62 25.54 -1.56 -8.62
C SER I 62 26.13 -0.77 -7.45
N THR I 63 25.38 0.20 -6.96
CA THR I 63 25.86 1.06 -5.88
C THR I 63 25.30 0.61 -4.55
N PRO I 64 25.97 0.94 -3.44
CA PRO I 64 25.40 0.60 -2.13
C PRO I 64 24.05 1.28 -1.88
N GLU I 65 23.86 2.50 -2.37
CA GLU I 65 22.59 3.18 -2.15
C GLU I 65 21.45 2.53 -2.94
N PHE I 66 21.76 1.90 -4.08
CA PHE I 66 20.74 1.16 -4.80
C PHE I 66 20.18 0.02 -3.94
N TRP I 67 21.08 -0.73 -3.29
CA TRP I 67 20.65 -1.86 -2.48
C TRP I 67 19.89 -1.40 -1.23
N LEU I 68 20.36 -0.32 -0.60
CA LEU I 68 19.66 0.19 0.56
C LEU I 68 18.32 0.82 0.18
N ARG I 69 18.22 1.35 -1.04
CA ARG I 69 16.95 1.89 -1.51
C ARG I 69 15.93 0.77 -1.74
N LEU I 70 16.38 -0.41 -2.15
CA LEU I 70 15.48 -1.55 -2.28
C LEU I 70 14.89 -1.92 -0.93
N GLN I 71 15.73 -1.97 0.12
CA GLN I 71 15.22 -2.28 1.45
C GLN I 71 14.29 -1.20 1.95
N SER I 72 14.66 0.07 1.73
CA SER I 72 13.84 1.19 2.21
C SER I 72 12.45 1.16 1.59
N ASN I 73 12.38 0.96 0.27
CA ASN I 73 11.08 0.85 -0.39
C ASN I 73 10.29 -0.33 0.14
N TYR I 74 10.96 -1.47 0.35
CA TYR I 74 10.28 -2.64 0.89
C TYR I 74 9.80 -2.38 2.31
N ASP I 75 10.61 -1.71 3.13
CA ASP I 75 10.19 -1.37 4.49
C ASP I 75 8.92 -0.52 4.47
N LEU I 76 8.87 0.46 3.57
CA LEU I 76 7.71 1.34 3.50
C LEU I 76 6.47 0.60 3.02
N ARG I 77 6.62 -0.36 2.11
CA ARG I 77 5.48 -1.15 1.68
C ARG I 77 4.93 -1.98 2.83
N GLN I 78 5.81 -2.46 3.72
CA GLN I 78 5.36 -3.18 4.90
C GLN I 78 4.53 -2.30 5.81
N LEU I 79 5.08 -1.13 6.17
CA LEU I 79 4.43 -0.17 7.05
C LEU I 79 3.27 0.57 6.38
N GLU I 80 2.70 0.03 5.31
CA GLU I 80 1.58 0.69 4.64
C GLU I 80 0.30 0.40 5.41
N ASN I 81 -0.45 1.46 5.70
CA ASN I 81 -1.70 1.47 6.46
C ASN I 81 -1.51 0.98 7.89
N GLN I 82 -0.27 0.75 8.34
CA GLN I 82 -0.04 0.43 9.74
C GLN I 82 0.05 1.69 10.60
N ILE I 83 0.52 2.78 10.02
CA ILE I 83 0.62 4.06 10.72
C ILE I 83 -0.62 4.87 10.39
N ASP I 84 -1.38 5.24 11.42
CA ASP I 84 -2.54 6.12 11.24
C ASP I 84 -2.04 7.56 11.16
N THR I 85 -2.12 8.15 9.97
CA THR I 85 -1.71 9.53 9.73
C THR I 85 -2.88 10.46 9.52
N SER I 86 -4.11 9.97 9.68
CA SER I 86 -5.28 10.79 9.43
C SER I 86 -5.34 12.02 10.34
N GLY I 87 -4.80 11.92 11.55
CA GLY I 87 -4.77 13.04 12.46
C GLY I 87 -3.64 14.03 12.25
N ILE I 88 -2.71 13.73 11.35
CA ILE I 88 -1.58 14.60 11.10
C ILE I 88 -2.01 15.70 10.14
N VAL I 89 -1.69 16.94 10.48
CA VAL I 89 -2.06 18.11 9.67
C VAL I 89 -0.88 18.51 8.81
N LEU I 90 -1.13 18.67 7.52
CA LEU I 90 -0.12 19.19 6.60
C LEU I 90 0.06 20.69 6.86
N TYR I 91 1.27 21.11 7.16
CA TYR I 91 1.53 22.53 7.38
C TYR I 91 1.39 23.30 6.07
N GLY I 92 0.78 24.48 6.16
CA GLY I 92 0.49 25.27 4.97
C GLY I 92 -0.97 25.22 4.59
N GLU I 93 -1.25 25.24 3.29
CA GLU I 93 -2.63 25.27 2.80
C GLU I 93 -3.13 23.86 2.52
N SER I 94 -4.34 23.58 3.00
CA SER I 94 -5.00 22.31 2.70
C SER I 94 -5.71 22.43 1.35
N ASN I 95 -6.53 21.43 1.02
CA ASN I 95 -7.27 21.47 -0.24
C ASN I 95 -8.28 22.61 -0.24
N GLU I 96 -9.04 22.77 0.84
CA GLU I 96 -10.03 23.82 0.89
C GLU I 96 -9.39 25.21 0.98
N GLN I 97 -8.22 25.30 1.62
CA GLN I 97 -7.57 26.60 1.76
C GLN I 97 -7.00 27.09 0.42
N GLN I 98 -6.50 26.18 -0.41
CA GLN I 98 -5.95 26.56 -1.70
C GLN I 98 -7.00 26.66 -2.80
N GLN I 99 -8.26 26.33 -2.49
CA GLN I 99 -9.36 26.59 -3.41
C GLN I 99 -9.92 27.99 -3.26
N ASN I 100 -9.93 28.53 -2.04
CA ASN I 100 -10.45 29.88 -1.82
C ASN I 100 -9.49 30.95 -2.35
N ALA I 101 -8.18 30.66 -2.36
CA ALA I 101 -7.22 31.63 -2.86
C ALA I 101 -7.36 31.86 -4.35
N GLN I 102 -7.79 30.85 -5.10
CA GLN I 102 -7.96 30.97 -6.54
C GLN I 102 -9.29 31.64 -6.87
N ILE J 3 8.51 3.85 -14.79
CA ILE J 3 8.20 3.26 -16.08
C ILE J 3 6.96 3.95 -16.64
N LYS J 4 7.10 4.56 -17.82
CA LYS J 4 6.04 5.38 -18.38
C LYS J 4 5.11 4.60 -19.30
N SER J 5 5.64 3.72 -20.14
CA SER J 5 4.82 2.99 -21.10
C SER J 5 5.35 1.58 -21.27
N PHE J 6 4.44 0.66 -21.60
CA PHE J 6 4.77 -0.73 -21.82
C PHE J 6 4.43 -1.10 -23.25
N LYS J 7 5.42 -1.62 -23.99
CA LYS J 7 5.12 -2.23 -25.28
C LYS J 7 4.58 -3.64 -25.11
N HIS J 8 5.05 -4.36 -24.09
CA HIS J 8 4.60 -5.71 -23.80
C HIS J 8 3.51 -5.62 -22.73
N LYS J 9 2.27 -5.94 -23.10
CA LYS J 9 1.15 -5.77 -22.19
C LYS J 9 1.16 -6.78 -21.05
N GLY J 10 1.86 -7.91 -21.21
CA GLY J 10 2.00 -8.83 -20.10
C GLY J 10 2.87 -8.26 -18.99
N LEU J 11 3.92 -7.51 -19.36
CA LEU J 11 4.70 -6.80 -18.35
C LEU J 11 3.84 -5.76 -17.64
N LYS J 12 3.00 -5.05 -18.40
CA LYS J 12 2.15 -4.03 -17.79
C LYS J 12 1.21 -4.63 -16.76
N LEU J 13 0.62 -5.79 -17.08
CA LEU J 13 -0.23 -6.47 -16.11
C LEU J 13 0.55 -6.85 -14.86
N LEU J 14 1.78 -7.34 -15.03
CA LEU J 14 2.59 -7.75 -13.90
C LEU J 14 2.98 -6.55 -13.03
N PHE J 15 3.44 -5.48 -13.67
CA PHE J 15 3.93 -4.33 -12.91
C PHE J 15 2.79 -3.56 -12.25
N GLU J 16 1.70 -3.32 -12.98
CA GLU J 16 0.64 -2.48 -12.45
C GLU J 16 -0.36 -3.25 -11.57
N LYS J 17 -0.62 -4.52 -11.89
CA LYS J 17 -1.69 -5.26 -11.25
C LYS J 17 -1.23 -6.54 -10.54
N GLY J 18 0.05 -6.87 -10.60
CA GLY J 18 0.50 -8.13 -10.04
C GLY J 18 -0.03 -9.35 -10.76
N VAL J 19 -0.49 -9.19 -12.00
CA VAL J 19 -1.11 -10.28 -12.76
C VAL J 19 -0.04 -10.99 -13.55
N THR J 20 -0.02 -12.33 -13.47
CA THR J 20 1.04 -13.14 -14.07
C THR J 20 0.61 -13.84 -15.35
N SER J 21 -0.62 -13.63 -15.81
CA SER J 21 -1.14 -14.39 -16.95
C SER J 21 -0.48 -14.01 -18.27
N GLY J 22 0.24 -12.88 -18.33
CA GLY J 22 0.81 -12.40 -19.57
C GLY J 22 2.31 -12.62 -19.73
N VAL J 23 2.96 -13.32 -18.81
CA VAL J 23 4.38 -13.63 -18.91
C VAL J 23 4.57 -15.10 -18.62
N PRO J 24 5.67 -15.69 -19.12
CA PRO J 24 5.91 -17.12 -18.83
C PRO J 24 6.06 -17.36 -17.33
N ALA J 25 5.46 -18.46 -16.87
CA ALA J 25 5.50 -18.77 -15.44
C ALA J 25 6.91 -19.05 -14.96
N GLN J 26 7.78 -19.54 -15.85
CA GLN J 26 9.15 -19.86 -15.46
C GLN J 26 9.93 -18.61 -15.06
N ASP J 27 9.54 -17.44 -15.56
CA ASP J 27 10.33 -16.23 -15.42
C ASP J 27 9.60 -15.11 -14.68
N VAL J 28 8.47 -15.40 -14.05
CA VAL J 28 7.69 -14.34 -13.38
C VAL J 28 8.55 -13.65 -12.32
N ASP J 29 9.23 -14.44 -11.49
CA ASP J 29 9.99 -13.85 -10.39
C ASP J 29 11.22 -13.11 -10.91
N ARG J 30 11.93 -13.67 -11.89
CA ARG J 30 13.08 -12.97 -12.45
C ARG J 30 12.67 -11.68 -13.14
N ILE J 31 11.55 -11.70 -13.86
CA ILE J 31 11.08 -10.51 -14.54
C ILE J 31 10.68 -9.43 -13.54
N ASN J 32 9.93 -9.83 -12.51
CA ASN J 32 9.51 -8.86 -11.49
C ASN J 32 10.71 -8.31 -10.74
N ASP J 33 11.73 -9.14 -10.51
CA ASP J 33 12.95 -8.66 -9.87
C ASP J 33 13.62 -7.57 -10.69
N ARG J 34 13.67 -7.74 -12.02
CA ARG J 34 14.34 -6.76 -12.86
C ARG J 34 13.47 -5.53 -13.11
N LEU J 35 12.14 -5.69 -13.09
CA LEU J 35 11.27 -4.52 -13.08
C LEU J 35 11.46 -3.72 -11.80
N GLN J 36 11.66 -4.42 -10.68
CA GLN J 36 11.89 -3.75 -9.41
C GLN J 36 13.24 -3.04 -9.40
N ALA J 37 14.24 -3.60 -10.08
CA ALA J 37 15.53 -2.93 -10.19
C ALA J 37 15.43 -1.68 -11.05
N ILE J 38 14.66 -1.74 -12.13
CA ILE J 38 14.49 -0.57 -12.98
C ILE J 38 13.71 0.52 -12.24
N ASP J 39 12.64 0.15 -11.55
CA ASP J 39 11.84 1.13 -10.83
C ASP J 39 12.63 1.78 -9.70
N THR J 40 13.64 1.10 -9.18
CA THR J 40 14.42 1.61 -8.05
C THR J 40 15.66 2.38 -8.50
N ALA J 41 16.22 2.02 -9.65
CA ALA J 41 17.45 2.67 -10.11
C ALA J 41 17.19 4.14 -10.42
N THR J 42 18.03 5.01 -9.86
CA THR J 42 17.98 6.43 -10.15
C THR J 42 18.89 6.83 -11.31
N GLU J 43 19.82 5.96 -11.69
CA GLU J 43 20.68 6.19 -12.84
C GLU J 43 20.77 4.88 -13.63
N ILE J 44 21.11 5.01 -14.92
CA ILE J 44 21.23 3.83 -15.76
C ILE J 44 22.39 2.96 -15.30
N GLY J 45 23.43 3.56 -14.72
CA GLY J 45 24.58 2.81 -14.25
C GLY J 45 24.32 1.95 -13.03
N GLU J 46 23.22 2.21 -12.32
CA GLU J 46 22.84 1.35 -11.20
C GLU J 46 22.26 0.02 -11.67
N LEU J 47 21.96 -0.12 -12.94
CA LEU J 47 21.54 -1.38 -13.53
C LEU J 47 22.71 -2.15 -14.14
N ASN J 48 23.92 -1.61 -14.06
CA ASN J 48 25.07 -2.24 -14.70
C ASN J 48 25.62 -3.38 -13.84
N ARG J 49 24.74 -4.28 -13.42
CA ARG J 49 25.18 -5.52 -12.80
C ARG J 49 25.57 -6.51 -13.89
N GLN J 50 26.64 -7.27 -13.64
CA GLN J 50 27.18 -8.11 -14.72
C GLN J 50 26.22 -9.21 -15.12
N ILE J 51 25.36 -9.67 -14.20
CA ILE J 51 24.36 -10.68 -14.57
C ILE J 51 23.32 -10.09 -15.52
N TYR J 52 23.03 -8.80 -15.39
CA TYR J 52 22.04 -8.17 -16.26
C TYR J 52 22.55 -7.98 -17.69
N LYS J 53 23.86 -7.99 -17.88
CA LYS J 53 24.48 -7.78 -19.20
C LYS J 53 23.95 -6.50 -19.84
N LEU J 54 23.96 -5.41 -19.06
CA LEU J 54 23.42 -4.14 -19.52
C LEU J 54 24.24 -3.62 -20.70
N HIS J 55 23.55 -3.23 -21.77
CA HIS J 55 24.19 -2.66 -22.94
C HIS J 55 23.14 -1.92 -23.75
N PRO J 56 23.51 -0.83 -24.42
CA PRO J 56 22.55 -0.12 -25.26
C PRO J 56 22.40 -0.80 -26.62
N LEU J 57 21.24 -0.57 -27.23
CA LEU J 57 20.97 -1.10 -28.55
C LEU J 57 21.50 -0.15 -29.63
N LYS J 58 21.76 -0.71 -30.80
CA LYS J 58 22.37 0.05 -31.89
C LYS J 58 21.45 0.18 -33.09
N GLU J 62 18.73 2.97 -31.42
CA GLU J 62 19.63 3.72 -30.54
C GLU J 62 18.83 4.48 -29.49
N GLY J 63 19.41 4.62 -28.29
CA GLY J 63 18.73 5.18 -27.15
C GLY J 63 18.01 4.16 -26.31
N TYR J 64 17.81 2.94 -26.82
CA TYR J 64 17.22 1.85 -26.06
C TYR J 64 18.31 1.09 -25.31
N TRP J 65 17.89 0.35 -24.30
CA TRP J 65 18.79 -0.46 -23.50
C TRP J 65 18.21 -1.86 -23.31
N SER J 66 19.08 -2.81 -23.01
CA SER J 66 18.70 -4.21 -22.89
C SER J 66 19.20 -4.77 -21.57
N ILE J 67 18.36 -5.59 -20.94
CA ILE J 67 18.70 -6.27 -19.69
C ILE J 67 18.28 -7.73 -19.82
N THR J 68 19.21 -8.63 -19.53
CA THR J 68 18.96 -10.06 -19.66
C THR J 68 18.11 -10.57 -18.50
N VAL J 69 17.06 -11.32 -18.83
CA VAL J 69 16.29 -12.04 -17.82
C VAL J 69 16.85 -13.45 -17.64
N ARG J 70 16.95 -14.19 -18.73
CA ARG J 70 17.48 -15.55 -18.72
C ARG J 70 17.71 -16.03 -20.15
N ALA J 71 18.90 -16.59 -20.42
CA ALA J 71 19.27 -17.11 -21.74
C ALA J 71 19.16 -15.98 -22.75
N ASN J 72 18.24 -16.08 -23.70
CA ASN J 72 18.16 -15.01 -24.73
C ASN J 72 16.93 -14.10 -24.46
N TRP J 73 16.16 -14.41 -23.43
CA TRP J 73 15.07 -13.53 -23.04
C TRP J 73 15.61 -12.27 -22.37
N ARG J 74 15.05 -11.14 -22.78
CA ARG J 74 15.60 -9.82 -22.44
C ARG J 74 14.48 -8.80 -22.20
N ILE J 75 14.77 -7.83 -21.34
CA ILE J 75 13.89 -6.68 -21.17
C ILE J 75 14.54 -5.49 -21.88
N THR J 76 13.78 -4.82 -22.74
CA THR J 76 14.26 -3.65 -23.46
C THR J 76 13.38 -2.44 -23.15
N PHE J 77 14.00 -1.27 -23.12
CA PHE J 77 13.28 -0.04 -22.85
C PHE J 77 14.03 1.14 -23.46
N GLN J 78 13.28 2.20 -23.76
CA GLN J 78 13.87 3.44 -24.24
C GLN J 78 14.12 4.38 -23.07
N PHE J 79 15.35 4.87 -22.97
CA PHE J 79 15.77 5.75 -21.87
C PHE J 79 15.71 7.19 -22.37
N ILE J 80 14.74 7.94 -21.86
CA ILE J 80 14.58 9.36 -22.22
C ILE J 80 13.90 10.07 -21.06
N ASN J 81 14.35 11.30 -20.78
CA ASN J 81 13.84 12.11 -19.67
C ASN J 81 14.06 11.43 -18.32
N GLY J 82 15.09 10.59 -18.24
CA GLY J 82 15.36 9.87 -17.01
C GLY J 82 14.37 8.78 -16.68
N ASP J 83 13.48 8.44 -17.61
CA ASP J 83 12.45 7.44 -17.39
C ASP J 83 12.61 6.31 -18.41
N ALA J 84 11.81 5.27 -18.22
CA ALA J 84 11.85 4.08 -19.07
C ALA J 84 10.55 3.98 -19.85
N TYR J 85 10.66 4.01 -21.17
CA TYR J 85 9.53 3.91 -22.07
C TYR J 85 9.61 2.62 -22.87
N ILE J 86 8.45 2.21 -23.41
CA ILE J 86 8.35 1.11 -24.37
C ILE J 86 8.99 -0.14 -23.79
N LEU J 87 8.63 -0.51 -22.56
CA LEU J 87 9.18 -1.71 -21.95
C LEU J 87 8.68 -2.95 -22.69
N ASN J 88 9.61 -3.83 -23.05
CA ASN J 88 9.30 -5.00 -23.84
C ASN J 88 10.04 -6.20 -23.27
N TYR J 89 9.53 -7.38 -23.58
CA TYR J 89 10.11 -8.66 -23.17
C TYR J 89 10.12 -9.57 -24.38
N GLU J 90 11.31 -9.87 -24.87
CA GLU J 90 11.49 -10.55 -26.16
C GLU J 90 12.56 -11.62 -26.08
N ASP J 91 12.41 -12.68 -26.88
CA ASP J 91 13.44 -13.74 -26.94
C ASP J 91 14.34 -13.40 -28.11
N TYR J 92 15.34 -12.56 -27.88
CA TYR J 92 16.25 -12.12 -28.96
C TYR J 92 17.50 -12.99 -28.96
#